data_6NE9
#
_entry.id   6NE9
#
_cell.length_a   116.703
_cell.length_b   126.553
_cell.length_c   110.260
_cell.angle_alpha   90.000
_cell.angle_beta   90.000
_cell.angle_gamma   90.000
#
_symmetry.space_group_name_H-M   'C 2 2 21'
#
loop_
_entity.id
_entity.type
_entity.pdbx_description
1 polymer 'Isoamylase protein'
2 non-polymer DI(HYDROXYETHYL)ETHER
3 non-polymer 1,2-ETHANEDIOL
4 non-polymer 'SULFATE ION'
5 non-polymer 'CHLORIDE ION'
6 water water
#
_entity_poly.entity_id   1
_entity_poly.type   'polypeptide(L)'
_entity_poly.pdbx_seq_one_letter_code
;(MSE)KKQILFWS(MSE)(MSE)SW(MSE)VSVGLPSFAQTVEDFKPSEVNQPGKLYPQVNSERKVRVQISAPEAKVVQL
DLGGVKYDLTKDEKGVWTGESAPQQEGFHYYQLNVDGAAVPDPGTIYFYGAGRWGSGIEVPAHDADFYALKDVPHGLLSE
(MSE)NYYSNLTKAWRRCFVYTPAGYGDNKDKRYPVLYLQHGSFEDETGWGRQGKTNLILDNLIAAGKAVP(MSE)LVV
(MSE)DNGYATKPGEKSPFAASIFEEVL(MSE)NEVIP(MSE)IDAKFRTLSGREDRAIAGLS(MSE)GANQT(MSE)HI
A(MSE)NNPGHFAYYGGFSGTSNYPSTEPLDATTFLNGKFKDAKAVNVQFKVFFLGLGTAEPHPFPGVVKAFRQ(MSE)
(MSE)DKQGIKYVYYESPDTAHEWLTWRRALNEFAPLLFK
;
_entity_poly.pdbx_strand_id   A,B
#
# COMPACT_ATOMS: atom_id res chain seq x y z
N THR A 25 35.06 8.84 0.58
CA THR A 25 33.68 9.29 0.70
C THR A 25 33.45 10.06 1.99
N VAL A 26 32.75 11.19 1.89
CA VAL A 26 32.43 12.01 3.05
C VAL A 26 31.54 11.23 4.00
N GLU A 27 31.91 11.21 5.29
CA GLU A 27 31.19 10.41 6.27
C GLU A 27 30.15 11.23 7.04
N ASP A 28 29.10 11.64 6.34
CA ASP A 28 27.91 12.18 7.00
C ASP A 28 26.69 11.42 6.48
N PHE A 29 26.87 10.12 6.23
CA PHE A 29 25.79 9.25 5.81
C PHE A 29 24.68 9.20 6.85
N LYS A 30 23.44 9.21 6.37
CA LYS A 30 22.26 9.08 7.23
C LYS A 30 21.25 8.15 6.58
N PRO A 31 20.46 7.43 7.41
CA PRO A 31 19.41 6.57 6.84
C PRO A 31 18.46 7.32 5.92
N SER A 32 18.14 6.73 4.79
CA SER A 32 17.21 7.32 3.82
C SER A 32 15.80 7.28 4.38
N GLU A 33 14.91 8.11 3.82
CA GLU A 33 13.53 8.11 4.26
C GLU A 33 12.78 6.88 3.75
N VAL A 34 13.42 6.11 2.86
CA VAL A 34 12.81 4.89 2.32
C VAL A 34 13.09 3.66 3.19
N ASN A 35 13.88 3.81 4.23
CA ASN A 35 14.26 2.65 5.02
C ASN A 35 13.08 2.02 5.74
N GLN A 36 13.08 0.69 5.81
CA GLN A 36 12.08 0.01 6.64
C GLN A 36 12.30 0.43 8.08
N PRO A 37 11.22 0.46 8.88
CA PRO A 37 11.35 0.85 10.30
C PRO A 37 12.47 0.10 11.01
N GLY A 38 13.42 0.83 11.56
CA GLY A 38 14.49 0.25 12.33
C GLY A 38 15.70 -0.19 11.54
N LYS A 39 15.64 -0.10 10.21
CA LYS A 39 16.78 -0.48 9.37
C LYS A 39 17.72 0.71 9.17
N LEU A 40 19.00 0.51 9.46
CA LEU A 40 19.98 1.58 9.43
C LEU A 40 20.46 1.89 8.01
N TYR A 41 20.46 0.87 7.14
CA TYR A 41 20.90 1.02 5.76
C TYR A 41 19.73 0.69 4.83
N PRO A 42 19.67 1.34 3.66
CA PRO A 42 20.69 2.21 3.05
C PRO A 42 20.81 3.60 3.67
N GLN A 43 21.89 4.27 3.32
CA GLN A 43 22.15 5.61 3.78
C GLN A 43 22.61 6.47 2.63
N VAL A 44 22.44 7.78 2.77
CA VAL A 44 22.87 8.74 1.76
C VAL A 44 23.71 9.81 2.45
N ASN A 45 24.76 10.28 1.78
CA ASN A 45 25.62 11.33 2.33
C ASN A 45 25.47 12.63 1.54
N SER A 46 26.24 13.65 1.94
CA SER A 46 26.10 14.96 1.32
C SER A 46 26.68 15.00 -0.10
N GLU A 47 27.40 13.95 -0.49
CA GLU A 47 27.85 13.82 -1.88
C GLU A 47 26.78 13.18 -2.75
N ARG A 48 25.62 12.89 -2.16
CA ARG A 48 24.54 12.15 -2.82
C ARG A 48 24.98 10.75 -3.25
N LYS A 49 25.94 10.18 -2.51
CA LYS A 49 26.29 8.78 -2.69
C LYS A 49 25.37 7.92 -1.83
N VAL A 50 25.10 6.71 -2.29
CA VAL A 50 24.26 5.78 -1.57
C VAL A 50 25.09 4.63 -1.02
N ARG A 51 25.02 4.42 0.29
CA ARG A 51 25.71 3.31 0.95
C ARG A 51 24.71 2.23 1.33
N VAL A 52 24.96 1.00 0.88
CA VAL A 52 24.14 -0.15 1.24
C VAL A 52 24.93 -1.13 2.09
N GLN A 53 24.21 -1.92 2.88
CA GLN A 53 24.85 -2.93 3.71
C GLN A 53 23.96 -4.15 3.83
N ILE A 54 24.57 -5.33 3.72
CA ILE A 54 23.81 -6.58 3.87
C ILE A 54 24.70 -7.68 4.41
N SER A 55 24.15 -8.51 5.29
CA SER A 55 24.83 -9.70 5.79
C SER A 55 24.65 -10.87 4.82
N ALA A 56 25.77 -11.40 4.33
CA ALA A 56 25.76 -12.58 3.45
C ALA A 56 27.09 -13.31 3.59
N PRO A 57 27.30 -14.00 4.71
CA PRO A 57 28.62 -14.54 5.06
C PRO A 57 29.16 -15.62 4.12
N GLU A 58 28.31 -16.25 3.31
CA GLU A 58 28.77 -17.30 2.41
C GLU A 58 28.88 -16.82 0.96
N ALA A 59 28.61 -15.52 0.73
CA ALA A 59 28.58 -14.99 -0.63
C ALA A 59 29.97 -14.76 -1.22
N LYS A 60 30.07 -14.89 -2.54
CA LYS A 60 31.30 -14.61 -3.26
C LYS A 60 31.33 -13.18 -3.77
N VAL A 61 30.19 -12.72 -4.28
CA VAL A 61 30.09 -11.37 -4.83
C VAL A 61 28.74 -10.76 -4.48
N VAL A 62 28.77 -9.53 -3.96
CA VAL A 62 27.54 -8.78 -3.69
C VAL A 62 27.69 -7.39 -4.30
N GLN A 63 26.66 -6.97 -5.04
CA GLN A 63 26.71 -5.71 -5.78
C GLN A 63 25.49 -4.82 -5.55
N LEU A 64 25.74 -3.51 -5.58
CA LEU A 64 24.68 -2.52 -5.66
C LEU A 64 24.46 -2.20 -7.13
N ASP A 65 23.22 -2.34 -7.59
CA ASP A 65 22.87 -2.08 -8.98
C ASP A 65 22.00 -0.83 -9.03
N LEU A 66 22.63 0.30 -9.34
CA LEU A 66 22.00 1.62 -9.25
C LEU A 66 22.45 2.51 -10.40
N GLY A 67 21.48 3.11 -11.10
CA GLY A 67 21.79 4.01 -12.19
C GLY A 67 22.51 3.32 -13.34
N GLY A 68 22.15 2.07 -13.59
CA GLY A 68 22.76 1.31 -14.67
C GLY A 68 24.22 0.96 -14.41
N VAL A 69 24.68 1.15 -13.18
CA VAL A 69 26.05 0.84 -12.79
C VAL A 69 26.05 -0.20 -11.67
N LYS A 70 26.93 -1.18 -11.78
CA LYS A 70 27.12 -2.18 -10.73
C LYS A 70 28.33 -1.82 -9.87
N TYR A 71 28.11 -1.72 -8.56
CA TYR A 71 29.17 -1.45 -7.60
C TYR A 71 29.43 -2.67 -6.74
N ASP A 72 30.65 -3.17 -6.74
CA ASP A 72 31.02 -4.28 -5.87
C ASP A 72 31.09 -3.82 -4.42
N LEU A 73 30.39 -4.51 -3.54
CA LEU A 73 30.50 -4.28 -2.12
C LEU A 73 31.72 -5.02 -1.59
N THR A 74 32.19 -4.62 -0.41
CA THR A 74 33.32 -5.29 0.23
C THR A 74 32.86 -6.00 1.50
N LYS A 75 33.36 -7.23 1.69
CA LYS A 75 32.95 -8.07 2.81
C LYS A 75 33.91 -7.92 3.97
N ASP A 76 33.37 -7.73 5.18
CA ASP A 76 34.22 -7.65 6.36
C ASP A 76 34.41 -9.04 6.97
N GLU A 77 35.16 -9.09 8.06
CA GLU A 77 35.45 -10.35 8.73
C GLU A 77 34.19 -11.12 9.15
N LYS A 78 33.13 -10.39 9.46
CA LYS A 78 31.89 -11.00 9.97
C LYS A 78 30.97 -11.48 8.85
N GLY A 79 31.33 -11.24 7.60
CA GLY A 79 30.51 -11.63 6.47
C GLY A 79 29.45 -10.60 6.14
N VAL A 80 29.69 -9.36 6.58
CA VAL A 80 28.80 -8.24 6.27
C VAL A 80 29.41 -7.45 5.10
N TRP A 81 28.56 -7.15 4.12
CA TRP A 81 28.98 -6.45 2.92
C TRP A 81 28.55 -4.99 2.97
N THR A 82 29.47 -4.08 2.67
CA THR A 82 29.16 -2.66 2.63
C THR A 82 29.81 -2.03 1.40
N GLY A 83 29.12 -1.08 0.79
CA GLY A 83 29.68 -0.36 -0.35
C GLY A 83 28.89 0.90 -0.68
N GLU A 84 29.49 1.77 -1.49
CA GLU A 84 28.86 3.04 -1.86
C GLU A 84 28.85 3.24 -3.37
N SER A 85 27.82 3.94 -3.85
CA SER A 85 27.72 4.31 -5.25
C SER A 85 28.48 5.60 -5.52
N ALA A 86 28.61 5.95 -6.79
CA ALA A 86 29.03 7.29 -7.19
C ALA A 86 27.90 8.27 -6.87
N PRO A 87 28.18 9.58 -6.92
CA PRO A 87 27.11 10.55 -6.67
C PRO A 87 25.92 10.37 -7.60
N GLN A 88 24.73 10.46 -7.02
CA GLN A 88 23.48 10.33 -7.78
C GLN A 88 22.84 11.71 -7.97
N GLN A 89 21.98 11.83 -8.98
CA GLN A 89 21.17 13.03 -9.10
C GLN A 89 20.17 13.08 -7.96
N GLU A 90 19.66 14.26 -7.67
CA GLU A 90 18.69 14.44 -6.61
C GLU A 90 17.42 13.64 -6.90
N GLY A 91 16.74 13.20 -5.85
CA GLY A 91 15.44 12.58 -6.00
C GLY A 91 15.40 11.07 -5.82
N PHE A 92 14.54 10.43 -6.61
CA PHE A 92 14.20 9.02 -6.44
C PHE A 92 14.79 8.16 -7.55
N HIS A 93 15.38 7.02 -7.16
CA HIS A 93 15.96 6.08 -8.12
C HIS A 93 15.65 4.66 -7.74
N TYR A 94 15.18 3.87 -8.72
CA TYR A 94 15.03 2.44 -8.50
C TYR A 94 16.40 1.81 -8.35
N TYR A 95 16.50 0.76 -7.55
CA TYR A 95 17.71 -0.05 -7.53
C TYR A 95 17.44 -1.45 -7.03
N GLN A 96 18.45 -2.30 -7.11
CA GLN A 96 18.37 -3.66 -6.61
C GLN A 96 19.74 -4.09 -6.13
N LEU A 97 19.79 -5.21 -5.42
CA LEU A 97 21.05 -5.83 -5.05
C LEU A 97 21.27 -7.07 -5.90
N ASN A 98 22.54 -7.42 -6.07
CA ASN A 98 22.94 -8.65 -6.73
C ASN A 98 23.75 -9.48 -5.73
N VAL A 99 23.26 -10.68 -5.41
CA VAL A 99 23.94 -11.60 -4.50
C VAL A 99 24.25 -12.89 -5.26
N ASP A 100 25.48 -13.02 -5.73
CA ASP A 100 25.94 -14.18 -6.48
C ASP A 100 24.99 -14.55 -7.62
N GLY A 101 24.53 -13.53 -8.33
CA GLY A 101 23.69 -13.71 -9.50
C GLY A 101 22.21 -13.50 -9.25
N ALA A 102 21.82 -13.45 -7.98
CA ALA A 102 20.42 -13.23 -7.62
C ALA A 102 20.10 -11.74 -7.57
N ALA A 103 19.20 -11.31 -8.46
CA ALA A 103 18.71 -9.94 -8.45
C ALA A 103 17.55 -9.85 -7.45
N VAL A 104 17.79 -9.16 -6.34
CA VAL A 104 16.81 -9.12 -5.26
C VAL A 104 16.65 -7.71 -4.70
N PRO A 105 15.49 -7.41 -4.11
CA PRO A 105 15.30 -6.14 -3.41
C PRO A 105 16.23 -6.00 -2.21
N ASP A 106 16.57 -4.78 -1.85
CA ASP A 106 17.31 -4.53 -0.62
C ASP A 106 16.37 -4.72 0.58
N PRO A 107 16.71 -5.64 1.50
CA PRO A 107 15.88 -5.80 2.70
C PRO A 107 15.78 -4.54 3.56
N GLY A 108 16.61 -3.54 3.24
CA GLY A 108 16.64 -2.30 3.99
C GLY A 108 15.58 -1.27 3.65
N THR A 109 14.94 -1.37 2.48
CA THR A 109 13.99 -0.34 2.05
C THR A 109 12.55 -0.84 1.94
N ILE A 110 11.61 0.09 1.94
CA ILE A 110 10.24 -0.20 1.52
C ILE A 110 10.29 -0.38 0.00
N TYR A 111 9.19 -0.84 -0.60
CA TYR A 111 9.22 -1.21 -2.01
C TYR A 111 8.23 -0.42 -2.86
N PHE A 112 8.56 -0.32 -4.15
CA PHE A 112 7.85 0.52 -5.10
C PHE A 112 7.64 -0.25 -6.37
N TYR A 113 6.53 0.02 -7.07
CA TYR A 113 6.31 -0.65 -8.34
C TYR A 113 6.81 0.17 -9.52
N GLY A 114 7.79 -0.37 -10.23
CA GLY A 114 8.37 0.27 -11.39
C GLY A 114 9.36 -0.67 -12.05
N ALA A 115 9.69 -0.41 -13.31
CA ALA A 115 10.52 -1.32 -14.09
C ALA A 115 9.93 -2.73 -14.09
N GLY A 116 8.60 -2.80 -14.00
CA GLY A 116 7.89 -4.08 -14.09
C GLY A 116 8.05 -4.98 -12.87
N ARG A 117 8.38 -4.39 -11.73
CA ARG A 117 8.59 -5.16 -10.50
C ARG A 117 8.26 -4.35 -9.25
N TRP A 118 7.93 -5.04 -8.16
CA TRP A 118 8.00 -4.44 -6.84
C TRP A 118 9.44 -4.59 -6.39
N GLY A 119 10.10 -3.48 -6.07
CA GLY A 119 11.50 -3.49 -5.70
C GLY A 119 11.93 -2.25 -4.97
N SER A 120 13.22 -2.20 -4.66
CA SER A 120 13.77 -1.11 -3.88
C SER A 120 13.86 0.20 -4.64
N GLY A 121 13.88 1.29 -3.88
CA GLY A 121 14.12 2.61 -4.41
C GLY A 121 14.90 3.37 -3.36
N ILE A 122 15.63 4.39 -3.78
CA ILE A 122 16.36 5.23 -2.84
C ILE A 122 15.95 6.67 -3.06
N GLU A 123 15.84 7.42 -1.97
CA GLU A 123 15.55 8.84 -2.02
C GLU A 123 16.81 9.63 -1.66
N VAL A 124 17.33 10.36 -2.63
CA VAL A 124 18.46 11.26 -2.45
C VAL A 124 17.91 12.67 -2.28
N PRO A 125 18.08 13.28 -1.11
CA PRO A 125 17.40 14.56 -0.86
C PRO A 125 17.68 15.63 -1.92
N ALA A 126 16.64 16.35 -2.31
CA ALA A 126 16.76 17.37 -3.35
C ALA A 126 16.76 18.76 -2.71
N HIS A 127 17.33 19.73 -3.39
CA HIS A 127 17.44 21.05 -2.81
C HIS A 127 16.05 21.68 -2.63
N ASP A 128 15.11 21.28 -3.48
CA ASP A 128 13.75 21.82 -3.42
C ASP A 128 12.75 20.84 -2.83
N ALA A 129 13.27 19.84 -2.10
CA ALA A 129 12.45 18.75 -1.59
C ALA A 129 11.30 19.21 -0.69
N ASP A 130 11.34 20.45 -0.23
CA ASP A 130 10.29 20.95 0.64
C ASP A 130 8.90 20.93 0.00
N PHE A 131 8.81 20.99 -1.33
CA PHE A 131 7.50 21.12 -1.96
C PHE A 131 6.71 19.81 -1.88
N TYR A 132 7.39 18.70 -1.61
CA TYR A 132 6.69 17.43 -1.40
C TYR A 132 6.95 16.86 0.00
N ALA A 133 7.35 17.73 0.92
CA ALA A 133 7.59 17.32 2.30
C ALA A 133 6.27 17.01 3.01
N LEU A 134 6.35 16.18 4.04
CA LEU A 134 5.22 15.96 4.94
C LEU A 134 5.19 17.10 5.94
N LYS A 135 4.33 18.08 5.69
CA LYS A 135 4.27 19.32 6.47
C LYS A 135 3.09 19.37 7.41
N ASP A 136 3.16 20.29 8.36
CA ASP A 136 2.02 20.56 9.24
C ASP A 136 0.98 21.40 8.51
N VAL A 137 0.22 20.74 7.64
CA VAL A 137 -0.88 21.34 6.92
C VAL A 137 -2.01 20.33 6.90
N PRO A 138 -3.23 20.77 6.57
CA PRO A 138 -4.32 19.80 6.40
C PRO A 138 -3.99 18.77 5.31
N HIS A 139 -4.23 17.50 5.59
CA HIS A 139 -3.90 16.42 4.66
C HIS A 139 -5.14 15.73 4.12
N GLY A 140 -5.22 15.64 2.80
CA GLY A 140 -6.32 14.96 2.14
C GLY A 140 -6.16 13.45 2.19
N LEU A 141 -7.27 12.74 2.04
CA LEU A 141 -7.24 11.29 2.05
C LEU A 141 -6.79 10.74 0.71
N LEU A 142 -6.16 9.58 0.74
CA LEU A 142 -5.79 8.85 -0.46
C LEU A 142 -6.51 7.51 -0.38
N SER A 143 -7.45 7.29 -1.30
CA SER A 143 -8.38 6.17 -1.18
C SER A 143 -8.27 5.14 -2.29
N GLU A 144 -8.25 3.88 -1.89
CA GLU A 144 -8.26 2.75 -2.81
C GLU A 144 -9.67 2.40 -3.24
N ASN A 146 -11.75 -0.31 -5.75
CA ASN A 146 -11.78 -1.50 -6.58
C ASN A 146 -13.06 -1.53 -7.39
N TYR A 147 -12.93 -1.83 -8.67
CA TYR A 147 -14.09 -1.86 -9.56
C TYR A 147 -13.88 -2.90 -10.64
N TYR A 148 -14.97 -3.48 -11.11
CA TYR A 148 -14.92 -4.47 -12.17
C TYR A 148 -15.12 -3.79 -13.52
N SER A 149 -14.30 -4.15 -14.50
CA SER A 149 -14.39 -3.58 -15.84
C SER A 149 -15.02 -4.56 -16.82
N ASN A 150 -16.20 -4.22 -17.32
CA ASN A 150 -16.86 -5.03 -18.32
C ASN A 150 -16.09 -4.99 -19.65
N LEU A 151 -15.38 -3.89 -19.89
CA LEU A 151 -14.63 -3.74 -21.13
C LEU A 151 -13.38 -4.62 -21.18
N THR A 152 -12.69 -4.79 -20.04
CA THR A 152 -11.51 -5.64 -19.97
C THR A 152 -11.84 -7.00 -19.37
N LYS A 153 -13.06 -7.15 -18.86
CA LYS A 153 -13.48 -8.35 -18.14
C LYS A 153 -12.46 -8.73 -17.09
N ALA A 154 -12.09 -7.77 -16.25
CA ALA A 154 -11.12 -8.00 -15.20
C ALA A 154 -11.32 -6.98 -14.08
N TRP A 155 -10.83 -7.33 -12.89
CA TRP A 155 -10.88 -6.42 -11.77
C TRP A 155 -9.79 -5.36 -11.90
N ARG A 156 -10.15 -4.13 -11.59
CA ARG A 156 -9.24 -3.00 -11.67
C ARG A 156 -9.28 -2.22 -10.36
N ARG A 157 -8.45 -1.20 -10.26
CA ARG A 157 -8.22 -0.49 -9.02
C ARG A 157 -7.65 0.87 -9.37
N CYS A 158 -8.20 1.90 -8.76
CA CYS A 158 -7.63 3.24 -8.89
C CYS A 158 -7.47 3.82 -7.50
N PHE A 159 -6.65 4.85 -7.40
CA PHE A 159 -6.49 5.59 -6.16
C PHE A 159 -6.99 6.99 -6.37
N VAL A 160 -7.66 7.52 -5.36
CA VAL A 160 -8.27 8.84 -5.44
C VAL A 160 -7.87 9.71 -4.26
N TYR A 161 -7.25 10.83 -4.59
CA TYR A 161 -6.94 11.87 -3.62
C TYR A 161 -8.14 12.80 -3.49
N THR A 162 -8.63 12.98 -2.27
CA THR A 162 -9.60 14.04 -1.99
C THR A 162 -8.91 15.09 -1.14
N PRO A 163 -9.17 16.38 -1.40
CA PRO A 163 -8.47 17.42 -0.63
C PRO A 163 -8.92 17.44 0.83
N ALA A 164 -8.12 18.06 1.69
CA ALA A 164 -8.34 17.98 3.13
C ALA A 164 -9.74 18.43 3.55
N GLY A 165 -10.24 19.49 2.92
CA GLY A 165 -11.53 20.05 3.28
C GLY A 165 -12.71 19.40 2.59
N TYR A 166 -12.50 18.26 1.95
CA TYR A 166 -13.56 17.60 1.19
C TYR A 166 -14.77 17.25 2.05
N GLY A 167 -14.55 17.02 3.34
CA GLY A 167 -15.62 16.65 4.25
C GLY A 167 -16.19 17.82 5.04
N ASP A 168 -15.80 19.04 4.67
CA ASP A 168 -16.25 20.23 5.38
C ASP A 168 -17.59 20.72 4.84
N ASN A 169 -17.55 21.35 3.67
CA ASN A 169 -18.78 21.78 3.00
C ASN A 169 -19.32 20.65 2.14
N LYS A 170 -20.31 19.95 2.68
CA LYS A 170 -20.82 18.74 2.03
C LYS A 170 -21.74 19.06 0.84
N ASP A 171 -21.90 20.34 0.55
CA ASP A 171 -22.56 20.78 -0.68
C ASP A 171 -21.53 21.18 -1.74
N LYS A 172 -20.28 21.37 -1.32
CA LYS A 172 -19.23 21.82 -2.22
C LYS A 172 -18.83 20.72 -3.19
N ARG A 173 -18.48 21.12 -4.41
CA ARG A 173 -18.02 20.19 -5.44
C ARG A 173 -16.65 20.63 -5.97
N TYR A 174 -15.89 19.67 -6.49
CA TYR A 174 -14.49 19.90 -6.84
C TYR A 174 -14.14 19.47 -8.26
N PRO A 175 -13.21 20.19 -8.89
CA PRO A 175 -12.70 19.72 -10.18
C PRO A 175 -11.83 18.49 -9.98
N VAL A 176 -11.43 17.86 -11.08
CA VAL A 176 -10.72 16.59 -11.03
C VAL A 176 -9.59 16.54 -12.05
N LEU A 177 -8.43 16.08 -11.58
CA LEU A 177 -7.29 15.82 -12.44
C LEU A 177 -7.10 14.29 -12.55
N TYR A 178 -7.06 13.80 -13.78
CA TYR A 178 -6.74 12.40 -14.04
C TYR A 178 -5.27 12.29 -14.42
N LEU A 179 -4.54 11.48 -13.65
CA LEU A 179 -3.08 11.53 -13.67
C LEU A 179 -2.49 10.14 -13.88
N GLN A 180 -1.75 9.98 -14.97
CA GLN A 180 -1.32 8.65 -15.41
C GLN A 180 0.18 8.40 -15.37
N HIS A 181 0.52 7.17 -15.03
CA HIS A 181 1.88 6.71 -14.89
C HIS A 181 2.47 6.31 -16.23
N GLY A 182 3.72 5.85 -16.21
CA GLY A 182 4.41 5.44 -17.42
C GLY A 182 4.45 3.94 -17.60
N SER A 183 5.18 3.48 -18.62
N SER A 183 5.21 3.50 -18.60
CA SER A 183 5.23 2.06 -18.90
CA SER A 183 5.34 2.08 -18.90
C SER A 183 5.93 1.30 -17.77
C SER A 183 5.94 1.31 -17.73
N PHE A 184 5.45 0.10 -17.53
CA PHE A 184 5.97 -0.80 -16.48
C PHE A 184 5.84 -0.24 -15.06
N GLU A 185 4.89 0.69 -14.90
CA GLU A 185 4.49 1.17 -13.59
C GLU A 185 3.01 0.88 -13.42
N ASP A 186 2.39 1.37 -12.34
CA ASP A 186 0.98 1.09 -12.11
C ASP A 186 0.30 2.23 -11.37
N GLU A 187 -0.93 1.98 -10.94
CA GLU A 187 -1.77 3.02 -10.35
C GLU A 187 -1.26 3.51 -8.98
N THR A 188 -0.26 2.85 -8.42
CA THR A 188 0.28 3.28 -7.12
C THR A 188 1.43 4.26 -7.28
N GLY A 189 1.97 4.37 -8.50
CA GLY A 189 3.17 5.15 -8.73
C GLY A 189 3.07 6.61 -8.34
N TRP A 190 2.05 7.30 -8.86
CA TRP A 190 1.92 8.73 -8.60
C TRP A 190 1.71 9.03 -7.12
N GLY A 191 1.06 8.11 -6.42
CA GLY A 191 0.72 8.30 -5.02
C GLY A 191 1.89 8.01 -4.09
N ARG A 192 2.79 7.12 -4.50
CA ARG A 192 3.91 6.70 -3.65
C ARG A 192 5.21 7.39 -4.07
N GLN A 193 5.86 6.89 -5.13
CA GLN A 193 7.04 7.56 -5.71
C GLN A 193 6.78 9.02 -6.00
N GLY A 194 5.58 9.31 -6.49
CA GLY A 194 5.23 10.62 -6.99
C GLY A 194 4.79 11.60 -5.92
N LYS A 195 4.50 11.10 -4.72
CA LYS A 195 4.12 11.92 -3.57
C LYS A 195 2.97 12.90 -3.91
N THR A 196 2.05 12.45 -4.76
CA THR A 196 0.96 13.32 -5.23
C THR A 196 0.15 13.93 -4.09
N ASN A 197 -0.20 13.14 -3.08
CA ASN A 197 -1.06 13.66 -2.01
C ASN A 197 -0.34 14.77 -1.23
N LEU A 198 0.97 14.64 -1.06
CA LEU A 198 1.74 15.64 -0.31
C LEU A 198 1.93 16.90 -1.15
N ILE A 199 2.17 16.73 -2.45
CA ILE A 199 2.35 17.87 -3.33
C ILE A 199 1.06 18.69 -3.35
N LEU A 200 -0.09 18.03 -3.52
CA LEU A 200 -1.35 18.75 -3.55
C LEU A 200 -1.73 19.30 -2.18
N ASP A 201 -1.50 18.53 -1.12
CA ASP A 201 -1.71 19.03 0.25
C ASP A 201 -1.00 20.38 0.41
N ASN A 202 0.27 20.42 0.03
CA ASN A 202 1.10 21.61 0.18
C ASN A 202 0.67 22.75 -0.74
N LEU A 203 0.43 22.44 -2.01
CA LEU A 203 -0.01 23.46 -2.96
C LEU A 203 -1.35 24.07 -2.57
N ILE A 204 -2.26 23.25 -2.07
CA ILE A 204 -3.58 23.72 -1.70
C ILE A 204 -3.51 24.58 -0.44
N ALA A 205 -2.77 24.10 0.56
CA ALA A 205 -2.60 24.85 1.81
C ALA A 205 -1.94 26.20 1.59
N ALA A 206 -0.99 26.25 0.66
CA ALA A 206 -0.30 27.49 0.32
C ALA A 206 -1.13 28.41 -0.57
N GLY A 207 -2.33 27.96 -0.94
CA GLY A 207 -3.21 28.74 -1.78
C GLY A 207 -2.72 28.87 -3.21
N LYS A 208 -1.88 27.94 -3.66
CA LYS A 208 -1.31 28.00 -5.01
C LYS A 208 -2.15 27.23 -6.02
N ALA A 209 -2.87 26.22 -5.54
CA ALA A 209 -3.70 25.38 -6.39
C ALA A 209 -5.12 25.28 -5.85
N VAL A 210 -6.06 25.20 -6.77
CA VAL A 210 -7.46 24.99 -6.44
C VAL A 210 -7.63 23.62 -5.80
N PRO A 211 -8.44 23.54 -4.72
CA PRO A 211 -8.77 22.21 -4.17
C PRO A 211 -9.36 21.32 -5.26
N LEU A 213 -9.84 16.89 -6.73
CA LEU A 213 -9.56 15.45 -6.67
C LEU A 213 -8.47 15.11 -7.66
N VAL A 214 -7.71 14.06 -7.36
CA VAL A 214 -6.77 13.49 -8.31
C VAL A 214 -7.07 11.99 -8.39
N VAL A 215 -7.25 11.49 -9.61
CA VAL A 215 -7.57 10.09 -9.83
C VAL A 215 -6.45 9.42 -10.60
N ASP A 217 -5.33 5.87 -12.18
CA ASP A 217 -5.72 4.53 -12.64
C ASP A 217 -4.52 3.87 -13.32
N ASN A 218 -4.75 2.68 -13.85
CA ASN A 218 -3.69 1.92 -14.51
C ASN A 218 -3.87 2.02 -16.02
N GLY A 219 -2.83 2.52 -16.69
CA GLY A 219 -2.90 2.78 -18.12
C GLY A 219 -2.90 1.54 -18.98
N TYR A 220 -2.70 0.36 -18.38
CA TYR A 220 -2.80 -0.89 -19.11
C TYR A 220 -4.24 -1.39 -19.11
N ALA A 221 -4.80 -1.51 -20.31
CA ALA A 221 -6.17 -1.98 -20.50
C ALA A 221 -6.27 -2.60 -21.88
N THR A 222 -6.56 -3.89 -21.94
CA THR A 222 -6.69 -4.61 -23.21
C THR A 222 -8.00 -5.37 -23.26
N LYS A 223 -8.38 -5.76 -24.47
CA LYS A 223 -9.58 -6.58 -24.66
C LYS A 223 -9.41 -7.90 -23.92
N PRO A 224 -10.53 -8.52 -23.53
CA PRO A 224 -10.54 -9.75 -22.72
C PRO A 224 -9.57 -10.83 -23.20
N GLY A 225 -9.51 -11.07 -24.51
CA GLY A 225 -8.72 -12.16 -25.04
C GLY A 225 -7.21 -11.96 -24.97
N GLU A 226 -6.75 -10.71 -24.95
CA GLU A 226 -5.35 -10.40 -25.24
C GLU A 226 -4.47 -10.14 -24.03
N LYS A 227 -3.32 -10.81 -24.02
CA LYS A 227 -2.32 -10.68 -22.96
C LYS A 227 -1.03 -10.05 -23.49
N SER A 228 -0.95 -9.92 -24.81
CA SER A 228 0.27 -9.42 -25.46
C SER A 228 0.54 -7.96 -25.11
N PRO A 229 1.83 -7.60 -24.97
CA PRO A 229 2.18 -6.21 -24.65
C PRO A 229 2.02 -5.29 -25.85
N PHE A 230 1.82 -5.87 -27.02
CA PHE A 230 1.60 -5.10 -28.25
C PHE A 230 0.14 -5.17 -28.68
N ALA A 231 -0.69 -5.78 -27.84
CA ALA A 231 -2.13 -5.82 -28.08
C ALA A 231 -2.68 -4.39 -28.01
N ALA A 232 -3.77 -4.16 -28.72
CA ALA A 232 -4.37 -2.83 -28.78
C ALA A 232 -4.83 -2.38 -27.40
N SER A 233 -4.57 -1.12 -27.08
CA SER A 233 -5.02 -0.55 -25.82
C SER A 233 -6.46 -0.09 -25.92
N ILE A 234 -7.24 -0.34 -24.86
CA ILE A 234 -8.57 0.22 -24.77
C ILE A 234 -8.68 1.05 -23.49
N PHE A 235 -7.57 1.65 -23.10
CA PHE A 235 -7.54 2.48 -21.90
C PHE A 235 -8.44 3.71 -22.05
N GLU A 236 -8.45 4.32 -23.24
CA GLU A 236 -9.34 5.45 -23.46
C GLU A 236 -10.78 5.04 -23.19
N GLU A 237 -11.19 3.91 -23.73
CA GLU A 237 -12.56 3.44 -23.54
C GLU A 237 -12.85 3.20 -22.06
N VAL A 238 -11.89 2.63 -21.34
CA VAL A 238 -12.08 2.34 -19.93
C VAL A 238 -12.19 3.63 -19.12
N LEU A 239 -11.34 4.60 -19.44
CA LEU A 239 -11.35 5.86 -18.69
C LEU A 239 -12.66 6.64 -18.92
N ASN A 241 -15.63 5.52 -20.17
CA ASN A 241 -16.89 4.80 -19.92
C ASN A 241 -17.02 4.19 -18.54
N GLU A 242 -15.90 3.90 -17.89
CA GLU A 242 -15.95 3.24 -16.58
C GLU A 242 -15.38 4.10 -15.46
N VAL A 243 -14.20 4.67 -15.65
CA VAL A 243 -13.57 5.41 -14.56
C VAL A 243 -14.25 6.75 -14.30
N ILE A 244 -14.28 7.64 -15.30
CA ILE A 244 -14.80 8.98 -15.09
C ILE A 244 -16.28 8.97 -14.66
N PRO A 245 -17.13 8.16 -15.32
CA PRO A 245 -18.52 8.14 -14.87
C PRO A 245 -18.65 7.69 -13.43
N ILE A 247 -16.34 8.03 -11.01
CA ILE A 247 -15.86 9.11 -10.15
C ILE A 247 -16.91 10.21 -10.00
N ASP A 248 -17.52 10.60 -11.12
CA ASP A 248 -18.49 11.68 -11.09
C ASP A 248 -19.78 11.25 -10.39
N ALA A 249 -20.04 9.94 -10.38
CA ALA A 249 -21.22 9.40 -9.70
C ALA A 249 -21.00 9.23 -8.20
N LYS A 250 -19.77 8.92 -7.81
CA LYS A 250 -19.49 8.55 -6.42
C LYS A 250 -18.92 9.69 -5.58
N PHE A 251 -18.33 10.69 -6.23
CA PHE A 251 -17.75 11.82 -5.52
C PHE A 251 -18.44 13.12 -5.91
N ARG A 252 -18.30 14.09 -5.04
CA ARG A 252 -18.87 15.42 -5.28
C ARG A 252 -17.96 16.21 -6.21
N THR A 253 -18.12 15.97 -7.51
CA THR A 253 -17.27 16.60 -8.52
C THR A 253 -18.03 17.62 -9.37
N LEU A 254 -17.28 18.62 -9.83
CA LEU A 254 -17.70 19.44 -10.97
C LEU A 254 -17.31 18.66 -12.23
N SER A 255 -18.28 18.40 -13.11
CA SER A 255 -18.08 17.45 -14.21
C SER A 255 -18.10 18.12 -15.59
N GLY A 256 -17.96 19.44 -15.61
CA GLY A 256 -17.80 20.17 -16.86
C GLY A 256 -16.39 20.03 -17.38
N ARG A 257 -16.19 20.27 -18.67
CA ARG A 257 -14.88 20.11 -19.28
C ARG A 257 -13.85 21.09 -18.71
N GLU A 258 -14.31 22.27 -18.28
CA GLU A 258 -13.40 23.24 -17.67
C GLU A 258 -13.08 22.83 -16.23
N ASP A 259 -13.71 21.75 -15.78
CA ASP A 259 -13.47 21.21 -14.43
C ASP A 259 -12.71 19.89 -14.48
N ARG A 260 -12.20 19.51 -15.65
CA ARG A 260 -11.52 18.23 -15.81
C ARG A 260 -10.20 18.36 -16.57
N ALA A 261 -9.14 17.90 -15.92
CA ALA A 261 -7.79 17.94 -16.48
C ALA A 261 -7.24 16.53 -16.60
N ILE A 262 -6.32 16.33 -17.54
CA ILE A 262 -5.70 15.03 -17.73
C ILE A 262 -4.21 15.21 -17.99
N ALA A 263 -3.40 14.32 -17.43
CA ALA A 263 -1.95 14.41 -17.58
C ALA A 263 -1.31 13.06 -17.34
N GLY A 264 -0.08 12.92 -17.83
CA GLY A 264 0.64 11.68 -17.67
C GLY A 264 2.13 11.83 -17.95
N LEU A 265 2.90 10.83 -17.54
CA LEU A 265 4.34 10.82 -17.76
C LEU A 265 4.73 9.69 -18.71
N SER A 266 5.75 9.93 -19.53
CA SER A 266 6.28 8.90 -20.43
C SER A 266 5.15 8.35 -21.33
N GLY A 268 2.33 7.41 -20.47
CA GLY A 268 1.09 8.01 -20.02
C GLY A 268 0.86 9.38 -20.62
N ALA A 269 1.94 10.09 -20.95
CA ALA A 269 1.82 11.39 -21.60
C ALA A 269 1.22 11.20 -22.99
N ASN A 270 1.65 10.16 -23.68
CA ASN A 270 1.14 9.86 -25.01
C ASN A 270 -0.30 9.41 -24.96
N GLN A 271 -0.60 8.55 -23.99
CA GLN A 271 -1.95 8.05 -23.82
C GLN A 271 -2.92 9.18 -23.54
N THR A 272 -2.54 10.08 -22.64
CA THR A 272 -3.46 11.11 -22.20
C THR A 272 -3.57 12.21 -23.25
N HIS A 274 -3.60 11.55 -26.51
CA HIS A 274 -4.54 10.87 -27.39
C HIS A 274 -5.97 11.03 -26.85
N ILE A 275 -6.15 10.75 -25.57
CA ILE A 275 -7.45 10.84 -24.92
C ILE A 275 -7.99 12.26 -24.92
N ALA A 276 -7.13 13.22 -24.60
CA ALA A 276 -7.55 14.62 -24.55
C ALA A 276 -7.98 15.10 -25.93
N ASN A 278 -8.94 13.33 -28.51
CA ASN A 278 -10.11 12.57 -28.96
C ASN A 278 -11.39 12.93 -28.25
N ASN A 279 -11.27 13.59 -27.09
CA ASN A 279 -12.43 13.94 -26.29
C ASN A 279 -12.44 15.40 -25.87
N PRO A 280 -12.48 16.30 -26.86
CA PRO A 280 -12.38 17.74 -26.62
C PRO A 280 -13.53 18.30 -25.78
N GLY A 281 -14.65 17.59 -25.75
CA GLY A 281 -15.80 18.02 -24.99
C GLY A 281 -15.69 17.70 -23.50
N HIS A 282 -14.57 17.12 -23.08
CA HIS A 282 -14.46 16.59 -21.73
C HIS A 282 -13.19 16.96 -20.98
N PHE A 283 -12.22 17.55 -21.69
CA PHE A 283 -11.00 18.05 -21.06
C PHE A 283 -10.60 19.42 -21.59
N ALA A 284 -10.24 20.33 -20.68
CA ALA A 284 -9.76 21.66 -21.04
C ALA A 284 -8.31 21.89 -20.58
N TYR A 285 -7.69 20.85 -20.03
CA TYR A 285 -6.29 20.93 -19.59
C TYR A 285 -5.55 19.65 -19.94
N TYR A 286 -4.34 19.79 -20.46
CA TYR A 286 -3.47 18.65 -20.74
C TYR A 286 -2.04 18.89 -20.24
N GLY A 287 -1.46 17.86 -19.63
CA GLY A 287 -0.08 17.91 -19.18
C GLY A 287 0.68 16.67 -19.63
N GLY A 288 1.71 16.87 -20.45
CA GLY A 288 2.53 15.78 -20.93
C GLY A 288 3.95 15.89 -20.39
N PHE A 289 4.31 14.97 -19.50
CA PHE A 289 5.61 14.99 -18.85
C PHE A 289 6.52 13.92 -19.48
N SER A 290 7.56 14.36 -20.17
CA SER A 290 8.55 13.45 -20.75
C SER A 290 7.92 12.41 -21.68
N GLY A 291 7.03 12.87 -22.56
CA GLY A 291 6.32 11.96 -23.45
C GLY A 291 7.23 11.33 -24.48
N THR A 292 6.77 10.26 -25.11
CA THR A 292 7.53 9.58 -26.14
C THR A 292 6.67 9.26 -27.36
N LEU A 301 7.52 16.82 -37.68
CA LEU A 301 6.12 16.45 -37.53
C LEU A 301 5.23 17.23 -38.49
N ASP A 302 4.37 16.51 -39.19
CA ASP A 302 3.42 17.15 -40.11
C ASP A 302 2.05 17.23 -39.43
N ALA A 303 1.63 18.45 -39.13
CA ALA A 303 0.38 18.67 -38.40
C ALA A 303 -0.83 18.22 -39.20
N THR A 304 -0.65 17.99 -40.50
CA THR A 304 -1.73 17.54 -41.35
C THR A 304 -2.06 16.06 -41.14
N THR A 305 -1.04 15.26 -40.79
CA THR A 305 -1.22 13.82 -40.64
C THR A 305 -1.06 13.36 -39.20
N PHE A 306 -0.24 14.08 -38.43
CA PHE A 306 0.07 13.66 -37.07
C PHE A 306 -1.18 13.57 -36.20
N LEU A 307 -1.35 12.40 -35.57
CA LEU A 307 -2.46 12.16 -34.66
C LEU A 307 -3.81 12.42 -35.35
N ASN A 308 -3.97 11.82 -36.53
CA ASN A 308 -5.18 12.01 -37.35
C ASN A 308 -5.49 13.49 -37.57
N GLY A 309 -4.43 14.29 -37.67
CA GLY A 309 -4.56 15.70 -38.02
C GLY A 309 -5.29 16.54 -36.99
N LYS A 310 -5.21 16.16 -35.72
CA LYS A 310 -5.92 16.87 -34.68
C LYS A 310 -5.28 18.23 -34.38
N PHE A 311 -4.05 18.42 -34.84
CA PHE A 311 -3.34 19.68 -34.66
C PHE A 311 -3.47 20.62 -35.86
N LYS A 312 -4.13 20.15 -36.93
CA LYS A 312 -4.39 20.96 -38.12
C LYS A 312 -5.02 22.30 -37.77
N ASP A 313 -6.16 22.24 -37.10
CA ASP A 313 -6.91 23.43 -36.74
C ASP A 313 -6.35 24.05 -35.47
N ALA A 314 -5.43 24.99 -35.63
CA ALA A 314 -4.77 25.62 -34.50
C ALA A 314 -5.76 26.34 -33.59
N LYS A 315 -6.78 26.95 -34.17
CA LYS A 315 -7.77 27.67 -33.40
C LYS A 315 -8.60 26.73 -32.54
N ALA A 316 -8.95 25.58 -33.11
CA ALA A 316 -9.72 24.57 -32.38
C ALA A 316 -8.98 24.10 -31.13
N VAL A 317 -7.66 23.95 -31.24
CA VAL A 317 -6.84 23.48 -30.13
C VAL A 317 -6.76 24.54 -29.03
N ASN A 318 -6.48 25.78 -29.42
CA ASN A 318 -6.36 26.87 -28.46
C ASN A 318 -7.69 27.12 -27.75
N VAL A 319 -8.79 26.82 -28.43
CA VAL A 319 -10.11 26.95 -27.84
C VAL A 319 -10.37 25.83 -26.85
N GLN A 320 -9.96 24.61 -27.20
CA GLN A 320 -10.17 23.48 -26.30
C GLN A 320 -9.44 23.68 -24.98
N PHE A 321 -8.18 24.11 -25.05
CA PHE A 321 -7.29 24.08 -23.88
C PHE A 321 -7.08 25.44 -23.23
N LYS A 322 -7.41 25.50 -21.95
CA LYS A 322 -7.00 26.62 -21.10
C LYS A 322 -5.53 26.46 -20.77
N VAL A 323 -5.09 25.21 -20.68
CA VAL A 323 -3.69 24.88 -20.38
C VAL A 323 -3.25 23.67 -21.18
N PHE A 324 -2.16 23.86 -21.94
CA PHE A 324 -1.48 22.76 -22.62
C PHE A 324 -0.02 22.81 -22.20
N PHE A 325 0.41 21.80 -21.45
CA PHE A 325 1.65 21.85 -20.68
C PHE A 325 2.59 20.71 -21.08
N LEU A 326 3.88 21.06 -21.27
CA LEU A 326 4.92 20.09 -21.59
C LEU A 326 6.05 20.16 -20.56
N GLY A 327 6.48 19.00 -20.07
CA GLY A 327 7.53 18.93 -19.08
C GLY A 327 8.68 18.04 -19.52
N LEU A 328 9.90 18.38 -19.12
CA LEU A 328 11.08 17.59 -19.48
C LEU A 328 12.18 17.78 -18.45
N GLY A 329 12.96 16.72 -18.21
CA GLY A 329 14.16 16.84 -17.40
C GLY A 329 15.35 17.24 -18.27
N THR A 330 16.22 18.11 -17.78
CA THR A 330 17.34 18.58 -18.59
C THR A 330 18.33 17.45 -18.88
N ALA A 331 18.30 16.40 -18.07
CA ALA A 331 19.26 15.30 -18.20
C ALA A 331 18.64 14.05 -18.80
N GLU A 332 17.49 14.18 -19.45
CA GLU A 332 16.84 13.00 -20.01
C GLU A 332 17.62 12.46 -21.21
N PRO A 333 17.65 11.13 -21.36
CA PRO A 333 18.37 10.54 -22.49
C PRO A 333 17.56 10.59 -23.77
N HIS A 334 18.22 10.31 -24.89
CA HIS A 334 17.55 10.08 -26.15
C HIS A 334 16.45 9.04 -25.92
N PRO A 335 15.26 9.24 -26.52
CA PRO A 335 14.85 10.26 -27.49
C PRO A 335 13.97 11.38 -26.90
N PHE A 336 13.89 11.48 -25.57
CA PHE A 336 12.86 12.33 -24.98
C PHE A 336 13.03 13.82 -25.30
N PRO A 337 14.27 14.35 -25.23
CA PRO A 337 14.41 15.77 -25.59
C PRO A 337 14.05 16.01 -27.06
N GLY A 338 14.41 15.09 -27.93
CA GLY A 338 14.11 15.23 -29.36
C GLY A 338 12.62 15.22 -29.64
N VAL A 339 11.90 14.32 -28.97
CA VAL A 339 10.45 14.23 -29.09
C VAL A 339 9.78 15.54 -28.70
N VAL A 340 10.16 16.07 -27.54
CA VAL A 340 9.59 17.32 -27.06
C VAL A 340 9.95 18.46 -28.03
N LYS A 341 11.18 18.45 -28.54
CA LYS A 341 11.62 19.49 -29.45
C LYS A 341 10.76 19.53 -30.71
N ALA A 342 10.60 18.37 -31.37
CA ALA A 342 9.83 18.29 -32.60
C ALA A 342 8.37 18.68 -32.35
N PHE A 343 7.88 18.36 -31.17
CA PHE A 343 6.50 18.68 -30.82
C PHE A 343 6.31 20.18 -30.66
N ARG A 344 7.22 20.81 -29.92
CA ARG A 344 7.19 22.27 -29.75
C ARG A 344 7.31 22.97 -31.08
N GLN A 345 8.18 22.45 -31.95
CA GLN A 345 8.38 23.04 -33.27
C GLN A 345 7.08 23.03 -34.07
N ASP A 348 4.72 25.59 -32.39
CA ASP A 348 5.14 26.95 -32.72
C ASP A 348 4.71 27.34 -34.13
N LYS A 349 4.95 26.47 -35.09
CA LYS A 349 4.63 26.75 -36.48
C LYS A 349 3.12 26.84 -36.69
N GLN A 350 2.37 26.04 -35.94
CA GLN A 350 0.92 26.00 -36.07
C GLN A 350 0.23 27.15 -35.36
N GLY A 351 0.95 27.83 -34.47
CA GLY A 351 0.38 28.90 -33.66
C GLY A 351 -0.47 28.37 -32.52
N ILE A 352 -0.11 27.19 -32.01
CA ILE A 352 -0.83 26.60 -30.89
C ILE A 352 -0.10 26.95 -29.59
N LYS A 353 -0.84 27.51 -28.65
CA LYS A 353 -0.27 27.96 -27.39
C LYS A 353 0.09 26.77 -26.50
N TYR A 354 1.20 26.89 -25.77
CA TYR A 354 1.57 25.88 -24.78
C TYR A 354 2.51 26.46 -23.73
N VAL A 355 2.57 25.78 -22.59
CA VAL A 355 3.49 26.10 -21.51
C VAL A 355 4.55 24.99 -21.44
N TYR A 356 5.79 25.37 -21.17
CA TYR A 356 6.90 24.44 -21.15
C TYR A 356 7.72 24.59 -19.87
N TYR A 357 8.07 23.46 -19.26
CA TYR A 357 8.85 23.47 -18.03
C TYR A 357 9.98 22.45 -18.07
N GLU A 358 11.17 22.89 -17.66
CA GLU A 358 12.33 22.01 -17.59
C GLU A 358 12.76 21.78 -16.15
N SER A 359 12.89 20.51 -15.76
CA SER A 359 13.40 20.14 -14.44
C SER A 359 14.93 20.08 -14.49
N PRO A 360 15.60 20.91 -13.68
CA PRO A 360 17.08 20.93 -13.78
C PRO A 360 17.77 19.70 -13.21
N ASP A 361 18.69 19.14 -14.00
CA ASP A 361 19.56 18.03 -13.58
C ASP A 361 18.79 16.81 -13.08
N THR A 362 17.68 16.52 -13.75
CA THR A 362 16.98 15.25 -13.53
C THR A 362 16.72 14.60 -14.87
N ALA A 363 16.63 13.27 -14.86
CA ALA A 363 16.50 12.51 -16.08
C ALA A 363 15.09 11.95 -16.19
N HIS A 364 14.95 10.79 -16.83
CA HIS A 364 13.65 10.17 -17.02
C HIS A 364 13.30 9.40 -15.75
N GLU A 365 13.11 10.15 -14.67
CA GLU A 365 12.89 9.60 -13.34
C GLU A 365 11.91 10.45 -12.54
N TRP A 366 11.49 9.96 -11.38
CA TRP A 366 10.32 10.51 -10.71
C TRP A 366 10.42 11.94 -10.21
N LEU A 367 11.63 12.44 -9.89
CA LEU A 367 11.71 13.82 -9.43
C LEU A 367 11.28 14.78 -10.55
N THR A 368 11.57 14.41 -11.78
CA THR A 368 11.17 15.20 -12.94
C THR A 368 9.66 15.40 -12.96
N TRP A 369 8.95 14.34 -12.60
CA TRP A 369 7.50 14.32 -12.70
C TRP A 369 6.82 14.89 -11.43
N ARG A 370 7.48 14.75 -10.29
CA ARG A 370 7.05 15.48 -9.10
C ARG A 370 7.07 16.98 -9.38
N ARG A 371 8.19 17.44 -9.93
CA ARG A 371 8.34 18.86 -10.25
C ARG A 371 7.34 19.31 -11.32
N ALA A 372 7.13 18.48 -12.33
CA ALA A 372 6.17 18.79 -13.38
C ALA A 372 4.78 18.99 -12.79
N LEU A 373 4.36 18.08 -11.91
CA LEU A 373 3.06 18.18 -11.28
C LEU A 373 2.97 19.45 -10.45
N ASN A 374 4.05 19.79 -9.77
CA ASN A 374 4.07 20.95 -8.90
C ASN A 374 3.91 22.25 -9.70
N GLU A 375 4.38 22.22 -10.95
CA GLU A 375 4.28 23.37 -11.85
C GLU A 375 2.96 23.38 -12.62
N PHE A 376 2.38 22.21 -12.82
CA PHE A 376 1.18 22.05 -13.65
C PHE A 376 -0.09 22.29 -12.85
N ALA A 377 -0.20 21.67 -11.69
CA ALA A 377 -1.42 21.72 -10.89
C ALA A 377 -1.88 23.16 -10.56
N PRO A 378 -0.94 24.07 -10.26
CA PRO A 378 -1.37 25.45 -9.95
C PRO A 378 -1.97 26.21 -11.14
N LEU A 379 -1.87 25.65 -12.35
CA LEU A 379 -2.41 26.31 -13.53
C LEU A 379 -3.86 25.95 -13.80
N LEU A 380 -4.39 24.99 -13.03
CA LEU A 380 -5.67 24.36 -13.36
C LEU A 380 -6.87 25.02 -12.70
N PHE A 381 -7.97 25.06 -13.43
CA PHE A 381 -9.28 25.38 -12.88
C PHE A 381 -9.39 26.83 -12.40
N LYS A 382 -8.68 27.74 -13.06
CA LYS A 382 -8.64 29.15 -12.67
C LYS A 382 -9.17 30.06 -13.79
N THR B 25 5.28 -36.04 -6.12
CA THR B 25 4.54 -34.81 -5.86
C THR B 25 3.63 -34.48 -7.03
N VAL B 26 2.41 -34.04 -6.72
CA VAL B 26 1.42 -33.73 -7.73
C VAL B 26 1.78 -32.46 -8.49
N GLU B 27 2.02 -32.59 -9.79
CA GLU B 27 2.34 -31.44 -10.61
C GLU B 27 1.07 -30.67 -10.98
N ASP B 28 0.48 -30.08 -9.94
CA ASP B 28 -0.73 -29.29 -10.04
C ASP B 28 -0.42 -27.79 -9.99
N PHE B 29 0.88 -27.47 -9.93
CA PHE B 29 1.32 -26.13 -9.54
C PHE B 29 0.82 -25.02 -10.46
N LYS B 30 0.32 -23.95 -9.83
CA LYS B 30 -0.08 -22.75 -10.54
C LYS B 30 0.43 -21.52 -9.78
N PRO B 31 0.64 -20.40 -10.49
CA PRO B 31 1.07 -19.14 -9.86
C PRO B 31 0.16 -18.71 -8.72
N SER B 32 0.75 -18.37 -7.57
CA SER B 32 0.00 -17.88 -6.41
C SER B 32 -0.65 -16.54 -6.72
N GLU B 33 -1.68 -16.18 -5.95
CA GLU B 33 -2.36 -14.92 -6.19
C GLU B 33 -1.55 -13.74 -5.63
N VAL B 34 -0.45 -14.04 -4.95
CA VAL B 34 0.45 -12.99 -4.45
C VAL B 34 1.60 -12.69 -5.40
N ASN B 35 1.65 -13.36 -6.55
CA ASN B 35 2.75 -13.14 -7.49
C ASN B 35 2.70 -11.74 -8.07
N GLN B 36 3.87 -11.15 -8.23
CA GLN B 36 3.96 -9.88 -8.95
C GLN B 36 3.48 -10.13 -10.37
N PRO B 37 2.88 -9.11 -10.99
CA PRO B 37 2.39 -9.24 -12.37
C PRO B 37 3.43 -9.83 -13.32
N GLY B 38 3.10 -10.96 -13.94
CA GLY B 38 3.96 -11.57 -14.94
C GLY B 38 5.01 -12.51 -14.41
N LYS B 39 5.06 -12.69 -13.10
CA LYS B 39 6.00 -13.63 -12.49
C LYS B 39 5.35 -15.00 -12.33
N LEU B 40 6.02 -16.04 -12.81
CA LEU B 40 5.44 -17.38 -12.79
C LEU B 40 5.53 -18.07 -11.43
N TYR B 41 6.57 -17.74 -10.67
CA TYR B 41 6.76 -18.31 -9.33
C TYR B 41 6.71 -17.20 -8.29
N PRO B 42 6.28 -17.53 -7.05
CA PRO B 42 6.01 -18.87 -6.51
C PRO B 42 4.72 -19.52 -7.04
N GLN B 43 4.63 -20.83 -6.85
CA GLN B 43 3.46 -21.59 -7.26
C GLN B 43 2.98 -22.50 -6.13
N VAL B 44 1.72 -22.89 -6.20
CA VAL B 44 1.14 -23.79 -5.20
C VAL B 44 0.37 -24.91 -5.90
N ASN B 45 0.50 -26.13 -5.40
CA ASN B 45 -0.22 -27.27 -5.96
C ASN B 45 -1.35 -27.72 -5.03
N SER B 46 -2.09 -28.75 -5.43
CA SER B 46 -3.27 -29.17 -4.68
C SER B 46 -2.89 -29.91 -3.40
N GLU B 47 -1.62 -30.24 -3.24
CA GLU B 47 -1.10 -30.76 -1.98
C GLU B 47 -0.80 -29.62 -1.00
N ARG B 48 -1.01 -28.39 -1.45
CA ARG B 48 -0.68 -27.19 -0.69
C ARG B 48 0.84 -27.05 -0.50
N LYS B 49 1.60 -27.60 -1.43
CA LYS B 49 3.04 -27.39 -1.46
C LYS B 49 3.35 -26.07 -2.16
N VAL B 50 4.42 -25.42 -1.74
CA VAL B 50 4.84 -24.16 -2.34
C VAL B 50 6.14 -24.36 -3.10
N ARG B 51 6.12 -24.06 -4.40
CA ARG B 51 7.30 -24.12 -5.25
C ARG B 51 7.81 -22.72 -5.56
N VAL B 52 9.08 -22.49 -5.28
CA VAL B 52 9.72 -21.21 -5.55
C VAL B 52 10.84 -21.39 -6.57
N GLN B 53 11.18 -20.33 -7.27
CA GLN B 53 12.25 -20.36 -8.25
C GLN B 53 12.94 -19.02 -8.32
N ILE B 54 14.26 -19.05 -8.45
CA ILE B 54 15.03 -17.82 -8.60
C ILE B 54 16.33 -18.10 -9.34
N SER B 55 16.73 -17.15 -10.18
CA SER B 55 17.98 -17.24 -10.91
C SER B 55 19.13 -16.71 -10.05
N ALA B 56 20.11 -17.56 -9.78
CA ALA B 56 21.32 -17.16 -9.05
C ALA B 56 22.51 -18.02 -9.49
N PRO B 57 23.00 -17.80 -10.73
CA PRO B 57 24.00 -18.67 -11.37
C PRO B 57 25.30 -18.88 -10.60
N GLU B 58 25.70 -17.93 -9.76
CA GLU B 58 26.96 -18.03 -9.03
C GLU B 58 26.77 -18.47 -7.58
N ALA B 59 25.53 -18.75 -7.19
CA ALA B 59 25.25 -19.07 -5.80
C ALA B 59 25.67 -20.50 -5.43
N LYS B 60 25.97 -20.70 -4.16
CA LYS B 60 26.36 -22.01 -3.64
C LYS B 60 25.18 -22.69 -2.96
N VAL B 61 24.38 -21.90 -2.24
CA VAL B 61 23.22 -22.41 -1.52
C VAL B 61 22.09 -21.40 -1.61
N VAL B 62 20.92 -21.86 -2.04
CA VAL B 62 19.71 -21.06 -2.01
C VAL B 62 18.64 -21.84 -1.27
N GLN B 63 17.96 -21.17 -0.33
CA GLN B 63 16.97 -21.82 0.52
C GLN B 63 15.63 -21.10 0.53
N LEU B 64 14.57 -21.89 0.75
CA LEU B 64 13.24 -21.37 1.07
C LEU B 64 13.01 -21.51 2.57
N ASP B 65 12.76 -20.38 3.25
CA ASP B 65 12.47 -20.39 4.69
C ASP B 65 10.98 -20.14 4.89
N LEU B 66 10.24 -21.22 5.11
CA LEU B 66 8.78 -21.16 5.19
C LEU B 66 8.25 -22.16 6.21
N GLY B 67 7.26 -21.73 7.00
CA GLY B 67 6.65 -22.58 7.99
C GLY B 67 7.64 -23.03 9.05
N GLY B 68 8.68 -22.21 9.26
CA GLY B 68 9.69 -22.51 10.26
C GLY B 68 10.70 -23.55 9.81
N VAL B 69 10.68 -23.89 8.52
CA VAL B 69 11.56 -24.90 7.96
C VAL B 69 12.33 -24.32 6.78
N LYS B 70 13.63 -24.61 6.72
CA LYS B 70 14.46 -24.20 5.59
C LYS B 70 14.61 -25.34 4.60
N TYR B 71 14.17 -25.10 3.37
CA TYR B 71 14.29 -26.08 2.29
C TYR B 71 15.37 -25.68 1.31
N ASP B 72 16.30 -26.59 1.04
CA ASP B 72 17.33 -26.36 0.02
C ASP B 72 16.73 -26.49 -1.37
N LEU B 73 16.93 -25.47 -2.20
CA LEU B 73 16.54 -25.55 -3.61
C LEU B 73 17.64 -26.25 -4.39
N THR B 74 17.32 -26.67 -5.60
CA THR B 74 18.31 -27.31 -6.47
C THR B 74 18.63 -26.43 -7.66
N LYS B 75 19.91 -26.31 -7.98
CA LYS B 75 20.37 -25.47 -9.09
C LYS B 75 20.44 -26.26 -10.39
N ASP B 76 19.94 -25.67 -11.47
CA ASP B 76 20.01 -26.33 -12.78
C ASP B 76 21.11 -25.74 -13.65
N GLU B 77 21.23 -26.24 -14.87
CA GLU B 77 22.38 -25.93 -15.72
C GLU B 77 22.32 -24.49 -16.24
N LYS B 78 21.19 -23.81 -16.06
CA LYS B 78 21.05 -22.42 -16.49
C LYS B 78 21.25 -21.46 -15.31
N GLY B 79 21.67 -21.99 -14.17
CA GLY B 79 21.91 -21.19 -12.99
C GLY B 79 20.63 -20.88 -12.19
N VAL B 80 19.54 -21.56 -12.54
CA VAL B 80 18.25 -21.30 -11.90
C VAL B 80 17.98 -22.32 -10.79
N TRP B 81 17.55 -21.80 -9.64
CA TRP B 81 17.26 -22.63 -8.47
C TRP B 81 15.77 -22.90 -8.34
N THR B 82 15.41 -24.15 -8.06
CA THR B 82 14.02 -24.52 -7.84
C THR B 82 13.92 -25.49 -6.67
N GLY B 83 12.85 -25.36 -5.90
CA GLY B 83 12.61 -26.25 -4.78
C GLY B 83 11.20 -26.06 -4.27
N GLU B 84 10.75 -26.96 -3.41
CA GLU B 84 9.37 -26.93 -2.93
C GLU B 84 9.27 -27.31 -1.46
N SER B 85 8.26 -26.75 -0.80
CA SER B 85 8.03 -26.97 0.62
C SER B 85 7.25 -28.26 0.83
N ALA B 86 7.09 -28.62 2.09
CA ALA B 86 6.10 -29.61 2.49
C ALA B 86 4.73 -28.97 2.37
N PRO B 87 3.66 -29.77 2.43
CA PRO B 87 2.30 -29.24 2.47
C PRO B 87 2.10 -28.21 3.58
N GLN B 88 1.55 -27.07 3.23
CA GLN B 88 1.28 -26.01 4.19
C GLN B 88 -0.16 -26.03 4.65
N GLN B 89 -0.43 -25.42 5.79
CA GLN B 89 -1.81 -25.15 6.19
C GLN B 89 -2.39 -24.13 5.23
N GLU B 90 -3.71 -24.11 5.13
CA GLU B 90 -4.40 -23.13 4.29
C GLU B 90 -4.11 -21.71 4.75
N GLY B 91 -4.13 -20.78 3.80
CA GLY B 91 -4.09 -19.37 4.13
C GLY B 91 -2.76 -18.71 3.87
N PHE B 92 -2.45 -17.71 4.68
CA PHE B 92 -1.35 -16.79 4.42
C PHE B 92 -0.15 -17.11 5.32
N HIS B 93 1.04 -17.16 4.73
CA HIS B 93 2.26 -17.46 5.46
C HIS B 93 3.41 -16.53 5.06
N TYR B 94 4.02 -15.87 6.02
CA TYR B 94 5.24 -15.09 5.74
C TYR B 94 6.35 -16.05 5.34
N TYR B 95 7.22 -15.61 4.42
CA TYR B 95 8.42 -16.38 4.13
C TYR B 95 9.52 -15.50 3.55
N GLN B 96 10.70 -16.10 3.42
CA GLN B 96 11.84 -15.41 2.85
C GLN B 96 12.73 -16.42 2.14
N LEU B 97 13.66 -15.91 1.33
CA LEU B 97 14.69 -16.75 0.74
C LEU B 97 16.02 -16.47 1.43
N ASN B 98 16.91 -17.46 1.39
CA ASN B 98 18.29 -17.30 1.84
C ASN B 98 19.22 -17.55 0.68
N VAL B 99 20.06 -16.57 0.34
CA VAL B 99 20.99 -16.72 -0.76
C VAL B 99 22.42 -16.53 -0.27
N ASP B 100 23.12 -17.64 -0.06
CA ASP B 100 24.50 -17.62 0.43
C ASP B 100 24.64 -16.73 1.66
N GLY B 101 23.67 -16.83 2.56
CA GLY B 101 23.70 -16.09 3.81
C GLY B 101 22.79 -14.89 3.87
N ALA B 102 22.38 -14.38 2.70
CA ALA B 102 21.54 -13.18 2.65
C ALA B 102 20.06 -13.52 2.81
N ALA B 103 19.44 -13.00 3.86
CA ALA B 103 18.00 -13.14 4.04
C ALA B 103 17.29 -12.08 3.21
N VAL B 104 16.60 -12.51 2.16
CA VAL B 104 16.03 -11.57 1.20
C VAL B 104 14.59 -11.93 0.83
N PRO B 105 13.83 -10.94 0.37
CA PRO B 105 12.49 -11.24 -0.15
C PRO B 105 12.56 -12.00 -1.46
N ASP B 106 11.51 -12.74 -1.74
CA ASP B 106 11.34 -13.40 -3.03
C ASP B 106 10.93 -12.35 -4.07
N PRO B 107 11.74 -12.15 -5.12
CA PRO B 107 11.37 -11.20 -6.18
C PRO B 107 10.07 -11.56 -6.90
N GLY B 108 9.55 -12.75 -6.64
CA GLY B 108 8.36 -13.23 -7.30
C GLY B 108 7.04 -12.77 -6.69
N THR B 109 7.06 -12.31 -5.45
CA THR B 109 5.81 -11.94 -4.76
C THR B 109 5.69 -10.44 -4.51
N ILE B 110 4.45 -9.98 -4.30
CA ILE B 110 4.22 -8.67 -3.71
C ILE B 110 4.63 -8.77 -2.24
N TYR B 111 4.61 -7.65 -1.52
CA TYR B 111 5.18 -7.64 -0.18
C TYR B 111 4.20 -7.17 0.89
N PHE B 112 4.46 -7.65 2.09
CA PHE B 112 3.59 -7.49 3.24
C PHE B 112 4.43 -7.07 4.44
N TYR B 113 3.87 -6.22 5.30
CA TYR B 113 4.57 -5.87 6.51
C TYR B 113 4.19 -6.79 7.65
N GLY B 114 5.18 -7.45 8.23
CA GLY B 114 4.98 -8.41 9.29
C GLY B 114 6.31 -9.04 9.63
N ALA B 115 6.42 -9.63 10.82
CA ALA B 115 7.69 -10.15 11.32
C ALA B 115 8.78 -9.07 11.27
N GLY B 116 8.36 -7.81 11.44
CA GLY B 116 9.29 -6.69 11.57
C GLY B 116 9.93 -6.24 10.27
N ARG B 117 9.31 -6.57 9.13
CA ARG B 117 9.87 -6.26 7.82
C ARG B 117 8.80 -6.15 6.75
N TRP B 118 9.11 -5.46 5.67
CA TRP B 118 8.41 -5.66 4.40
C TRP B 118 9.05 -6.85 3.71
N GLY B 119 8.25 -7.86 3.40
CA GLY B 119 8.80 -9.06 2.81
C GLY B 119 7.72 -9.94 2.20
N SER B 120 8.14 -11.12 1.75
CA SER B 120 7.27 -12.01 1.01
C SER B 120 6.24 -12.69 1.90
N GLY B 121 5.17 -13.13 1.26
CA GLY B 121 4.16 -13.97 1.87
C GLY B 121 3.63 -14.85 0.78
N ILE B 122 3.13 -16.03 1.14
CA ILE B 122 2.49 -16.92 0.20
C ILE B 122 1.04 -17.11 0.61
N GLU B 123 0.15 -17.23 -0.38
CA GLU B 123 -1.24 -17.56 -0.13
C GLU B 123 -1.51 -18.96 -0.64
N VAL B 124 -1.89 -19.84 0.27
CA VAL B 124 -2.30 -21.20 -0.06
C VAL B 124 -3.82 -21.23 0.01
N PRO B 125 -4.49 -21.40 -1.15
CA PRO B 125 -5.95 -21.22 -1.20
C PRO B 125 -6.71 -22.01 -0.14
N ALA B 126 -7.57 -21.32 0.62
CA ALA B 126 -8.38 -21.95 1.65
C ALA B 126 -9.70 -22.44 1.08
N HIS B 127 -10.25 -23.50 1.67
CA HIS B 127 -11.49 -24.08 1.16
C HIS B 127 -12.64 -23.09 1.30
N ASP B 128 -12.57 -22.22 2.30
CA ASP B 128 -13.63 -21.23 2.53
C ASP B 128 -13.22 -19.83 2.05
N ALA B 129 -12.24 -19.76 1.17
CA ALA B 129 -11.64 -18.48 0.78
C ALA B 129 -12.65 -17.51 0.18
N ASP B 130 -13.82 -18.01 -0.20
CA ASP B 130 -14.83 -17.17 -0.82
C ASP B 130 -15.23 -15.97 0.04
N PHE B 131 -15.13 -16.09 1.36
CA PHE B 131 -15.63 -15.02 2.22
C PHE B 131 -14.74 -13.77 2.19
N TYR B 132 -13.50 -13.89 1.73
CA TYR B 132 -12.63 -12.73 1.54
C TYR B 132 -12.27 -12.53 0.07
N ALA B 133 -13.08 -13.10 -0.81
CA ALA B 133 -12.86 -12.99 -2.24
C ALA B 133 -13.23 -11.60 -2.76
N LEU B 134 -12.68 -11.27 -3.92
CA LEU B 134 -13.05 -10.07 -4.63
C LEU B 134 -14.30 -10.39 -5.45
N LYS B 135 -15.45 -9.93 -4.98
CA LYS B 135 -16.73 -10.32 -5.56
C LYS B 135 -17.44 -9.15 -6.23
N ASP B 136 -18.40 -9.49 -7.09
CA ASP B 136 -19.23 -8.49 -7.74
C ASP B 136 -20.26 -7.97 -6.76
N VAL B 137 -19.79 -7.18 -5.81
CA VAL B 137 -20.63 -6.51 -4.84
C VAL B 137 -20.16 -5.06 -4.74
N PRO B 138 -20.98 -4.18 -4.16
CA PRO B 138 -20.50 -2.81 -3.96
C PRO B 138 -19.27 -2.80 -3.05
N HIS B 139 -18.27 -2.00 -3.41
CA HIS B 139 -17.02 -1.97 -2.67
C HIS B 139 -16.79 -0.63 -1.98
N GLY B 140 -16.50 -0.69 -0.70
CA GLY B 140 -16.21 0.52 0.06
C GLY B 140 -14.79 0.98 -0.21
N LEU B 141 -14.49 2.22 0.19
CA LEU B 141 -13.14 2.75 0.03
C LEU B 141 -12.24 2.36 1.21
N LEU B 142 -10.96 2.22 0.93
CA LEU B 142 -9.93 2.07 1.94
C LEU B 142 -9.00 3.28 1.84
N SER B 143 -9.04 4.13 2.85
CA SER B 143 -8.41 5.45 2.79
C SER B 143 -7.23 5.59 3.73
N GLU B 144 -6.15 6.16 3.19
CA GLU B 144 -4.96 6.44 3.96
C GLU B 144 -5.09 7.81 4.61
N ASN B 146 -3.09 10.53 7.16
CA ASN B 146 -1.89 10.96 7.87
C ASN B 146 -2.22 12.05 8.87
N TYR B 147 -1.66 11.92 10.07
CA TYR B 147 -1.92 12.88 11.14
C TYR B 147 -0.73 12.99 12.09
N TYR B 148 -0.58 14.15 12.72
CA TYR B 148 0.46 14.36 13.71
C TYR B 148 -0.07 14.12 15.11
N SER B 149 0.66 13.33 15.88
CA SER B 149 0.31 13.06 17.26
C SER B 149 1.15 13.92 18.21
N ASN B 150 0.48 14.74 19.01
CA ASN B 150 1.19 15.55 20.00
C ASN B 150 1.60 14.71 21.21
N LEU B 151 0.92 13.59 21.41
CA LEU B 151 1.25 12.71 22.51
C LEU B 151 2.56 11.97 22.27
N THR B 152 2.79 11.55 21.03
CA THR B 152 4.03 10.86 20.66
C THR B 152 5.04 11.82 20.01
N LYS B 153 4.58 13.02 19.67
CA LYS B 153 5.38 14.00 18.93
C LYS B 153 5.96 13.39 17.67
N ALA B 154 5.10 12.69 16.92
CA ALA B 154 5.51 12.07 15.69
C ALA B 154 4.36 12.02 14.70
N TRP B 155 4.69 11.90 13.42
CA TRP B 155 3.70 11.68 12.39
C TRP B 155 3.24 10.22 12.45
N ARG B 156 1.93 10.03 12.34
CA ARG B 156 1.34 8.70 12.36
C ARG B 156 0.46 8.51 11.13
N ARG B 157 -0.03 7.29 10.94
CA ARG B 157 -0.86 6.96 9.79
C ARG B 157 -1.85 5.89 10.18
N CYS B 158 -3.11 6.07 9.79
CA CYS B 158 -4.10 4.99 9.94
C CYS B 158 -4.82 4.78 8.62
N PHE B 159 -5.47 3.63 8.50
CA PHE B 159 -6.28 3.33 7.34
C PHE B 159 -7.73 3.18 7.77
N VAL B 160 -8.62 3.74 6.96
CA VAL B 160 -10.03 3.76 7.27
C VAL B 160 -10.85 3.17 6.14
N TYR B 161 -11.61 2.15 6.48
CA TYR B 161 -12.60 1.59 5.59
C TYR B 161 -13.90 2.33 5.76
N THR B 162 -14.47 2.80 4.65
CA THR B 162 -15.82 3.32 4.66
C THR B 162 -16.67 2.37 3.82
N PRO B 163 -17.92 2.12 4.24
CA PRO B 163 -18.78 1.18 3.51
C PRO B 163 -19.18 1.70 2.14
N ALA B 164 -19.64 0.80 1.27
CA ALA B 164 -19.91 1.14 -0.12
C ALA B 164 -20.93 2.27 -0.26
N GLY B 165 -21.91 2.31 0.62
CA GLY B 165 -22.97 3.30 0.54
C GLY B 165 -22.67 4.61 1.24
N TYR B 166 -21.44 4.77 1.74
CA TYR B 166 -21.07 5.93 2.53
C TYR B 166 -21.35 7.24 1.81
N GLY B 167 -20.93 7.34 0.56
CA GLY B 167 -21.14 8.55 -0.23
C GLY B 167 -22.60 8.74 -0.63
N ASP B 168 -23.26 7.65 -0.99
CA ASP B 168 -24.62 7.71 -1.50
C ASP B 168 -25.61 8.30 -0.49
N ASN B 169 -25.32 8.09 0.79
CA ASN B 169 -26.22 8.48 1.88
C ASN B 169 -25.62 9.61 2.71
N LYS B 170 -25.81 10.85 2.26
CA LYS B 170 -25.11 12.00 2.82
C LYS B 170 -25.56 12.37 4.23
N ASP B 171 -26.76 11.96 4.61
CA ASP B 171 -27.28 12.26 5.94
C ASP B 171 -27.05 11.11 6.92
N LYS B 172 -26.70 9.94 6.39
CA LYS B 172 -26.53 8.75 7.22
C LYS B 172 -25.21 8.76 8.00
N ARG B 173 -25.24 8.19 9.21
CA ARG B 173 -24.04 8.08 10.04
C ARG B 173 -23.82 6.62 10.43
N TYR B 174 -22.56 6.26 10.66
CA TYR B 174 -22.18 4.84 10.80
C TYR B 174 -21.41 4.56 12.09
N PRO B 175 -21.60 3.35 12.65
CA PRO B 175 -20.79 2.95 13.81
C PRO B 175 -19.38 2.62 13.37
N VAL B 176 -18.47 2.43 14.32
CA VAL B 176 -17.05 2.25 13.98
C VAL B 176 -16.42 1.08 14.74
N LEU B 177 -15.68 0.26 14.01
CA LEU B 177 -14.85 -0.78 14.60
C LEU B 177 -13.39 -0.33 14.56
N TYR B 178 -12.72 -0.40 15.71
CA TYR B 178 -11.29 -0.14 15.78
C TYR B 178 -10.60 -1.50 15.88
N LEU B 179 -9.67 -1.74 14.95
CA LEU B 179 -9.16 -3.09 14.71
C LEU B 179 -7.63 -3.07 14.69
N GLN B 180 -7.00 -3.82 15.60
CA GLN B 180 -5.55 -3.72 15.78
C GLN B 180 -4.75 -4.99 15.44
N HIS B 181 -3.54 -4.76 14.94
CA HIS B 181 -2.64 -5.81 14.48
C HIS B 181 -1.82 -6.42 15.61
N GLY B 182 -0.96 -7.37 15.26
CA GLY B 182 -0.12 -8.05 16.22
C GLY B 182 1.28 -7.48 16.32
N SER B 183 2.11 -8.12 17.14
CA SER B 183 3.48 -7.64 17.30
C SER B 183 4.25 -7.72 15.97
N PHE B 184 5.09 -6.72 15.75
CA PHE B 184 5.97 -6.65 14.57
C PHE B 184 5.18 -6.51 13.27
N GLU B 185 3.93 -6.07 13.39
CA GLU B 185 3.12 -5.68 12.24
C GLU B 185 2.79 -4.20 12.33
N ASP B 186 1.95 -3.69 11.43
CA ASP B 186 1.62 -2.27 11.43
C ASP B 186 0.21 -2.01 10.91
N GLU B 187 -0.10 -0.75 10.64
CA GLU B 187 -1.46 -0.34 10.31
C GLU B 187 -1.96 -0.86 8.96
N THR B 188 -1.08 -1.45 8.16
CA THR B 188 -1.46 -1.99 6.86
C THR B 188 -1.87 -3.46 6.88
N GLY B 189 -1.56 -4.15 7.98
CA GLY B 189 -1.76 -5.59 8.06
C GLY B 189 -3.19 -6.04 7.85
N TRP B 190 -4.11 -5.47 8.62
CA TRP B 190 -5.52 -5.86 8.54
C TRP B 190 -6.09 -5.60 7.16
N GLY B 191 -5.65 -4.50 6.56
CA GLY B 191 -6.12 -4.10 5.25
C GLY B 191 -5.55 -4.94 4.13
N ARG B 192 -4.29 -5.35 4.23
CA ARG B 192 -3.67 -6.12 3.15
C ARG B 192 -3.82 -7.62 3.38
N GLN B 193 -2.94 -8.23 4.17
CA GLN B 193 -3.02 -9.67 4.35
C GLN B 193 -4.30 -10.07 5.11
N GLY B 194 -4.87 -9.12 5.85
CA GLY B 194 -6.11 -9.35 6.59
C GLY B 194 -7.38 -9.23 5.74
N LYS B 195 -7.25 -8.62 4.57
CA LYS B 195 -8.37 -8.50 3.62
C LYS B 195 -9.64 -7.85 4.22
N THR B 196 -9.46 -6.93 5.16
CA THR B 196 -10.59 -6.36 5.91
C THR B 196 -11.64 -5.71 5.01
N ASN B 197 -11.21 -4.94 4.02
CA ASN B 197 -12.17 -4.24 3.16
C ASN B 197 -13.04 -5.22 2.37
N LEU B 198 -12.46 -6.33 1.92
CA LEU B 198 -13.23 -7.32 1.17
C LEU B 198 -14.16 -8.13 2.07
N ILE B 199 -13.69 -8.48 3.26
CA ILE B 199 -14.52 -9.19 4.22
C ILE B 199 -15.75 -8.34 4.56
N LEU B 200 -15.54 -7.06 4.86
CA LEU B 200 -16.64 -6.18 5.21
C LEU B 200 -17.54 -5.93 4.00
N ASP B 201 -16.93 -5.67 2.83
CA ASP B 201 -17.69 -5.57 1.59
C ASP B 201 -18.65 -6.74 1.42
N ASN B 202 -18.13 -7.94 1.57
CA ASN B 202 -18.92 -9.14 1.37
C ASN B 202 -19.99 -9.33 2.44
N LEU B 203 -19.63 -9.15 3.71
CA LEU B 203 -20.59 -9.31 4.80
C LEU B 203 -21.71 -8.29 4.69
N ILE B 204 -21.34 -7.05 4.41
CA ILE B 204 -22.31 -5.96 4.33
C ILE B 204 -23.25 -6.20 3.15
N ALA B 205 -22.68 -6.59 2.01
CA ALA B 205 -23.49 -6.85 0.82
C ALA B 205 -24.44 -8.02 1.06
N ALA B 206 -23.99 -8.99 1.85
CA ALA B 206 -24.77 -10.19 2.14
C ALA B 206 -25.84 -9.94 3.21
N GLY B 207 -25.85 -8.74 3.77
CA GLY B 207 -26.80 -8.38 4.81
C GLY B 207 -26.50 -9.03 6.15
N LYS B 208 -25.25 -9.44 6.35
CA LYS B 208 -24.85 -10.13 7.59
C LYS B 208 -24.24 -9.19 8.62
N ALA B 209 -23.64 -8.11 8.15
CA ALA B 209 -23.06 -7.09 9.01
C ALA B 209 -23.67 -5.74 8.72
N VAL B 210 -23.81 -4.93 9.77
CA VAL B 210 -24.23 -3.55 9.62
C VAL B 210 -23.14 -2.76 8.89
N PRO B 211 -23.53 -1.86 7.98
CA PRO B 211 -22.52 -0.98 7.39
C PRO B 211 -21.79 -0.19 8.46
N LEU B 213 -17.74 1.78 9.65
CA LEU B 213 -16.34 2.14 9.41
C LEU B 213 -15.44 1.16 10.14
N VAL B 214 -14.26 0.89 9.58
CA VAL B 214 -13.22 0.16 10.28
C VAL B 214 -11.96 1.02 10.29
N VAL B 215 -11.40 1.25 11.47
CA VAL B 215 -10.23 2.10 11.63
C VAL B 215 -9.06 1.23 12.09
N ASP B 217 -5.14 1.38 13.07
CA ASP B 217 -4.02 2.22 13.45
C ASP B 217 -2.80 1.36 13.82
N ASN B 218 -1.74 2.01 14.26
CA ASN B 218 -0.50 1.34 14.64
C ASN B 218 -0.42 1.19 16.15
N GLY B 219 -0.35 -0.05 16.61
CA GLY B 219 -0.39 -0.35 18.03
C GLY B 219 0.83 0.13 18.79
N TYR B 220 1.87 0.54 18.07
CA TYR B 220 3.07 1.07 18.71
C TYR B 220 2.96 2.58 18.88
N ALA B 221 3.01 3.03 20.14
CA ALA B 221 2.99 4.44 20.46
C ALA B 221 3.72 4.65 21.77
N THR B 222 4.72 5.54 21.74
CA THR B 222 5.53 5.82 22.93
C THR B 222 5.68 7.31 23.15
N LYS B 223 6.00 7.67 24.39
CA LYS B 223 6.25 9.06 24.74
C LYS B 223 7.40 9.61 23.91
N PRO B 224 7.46 10.94 23.73
CA PRO B 224 8.54 11.55 22.96
C PRO B 224 9.92 11.24 23.57
N GLY B 225 10.83 10.75 22.72
CA GLY B 225 12.18 10.44 23.16
C GLY B 225 12.32 9.09 23.85
N GLU B 226 11.23 8.35 23.95
CA GLU B 226 11.24 7.02 24.57
C GLU B 226 11.13 5.92 23.52
N PHE B 230 10.77 -1.41 24.20
CA PHE B 230 10.38 -1.87 25.53
C PHE B 230 9.81 -0.73 26.38
N ALA B 231 9.87 0.49 25.86
CA ALA B 231 9.32 1.64 26.57
C ALA B 231 7.83 1.45 26.83
N ALA B 232 7.30 2.17 27.81
CA ALA B 232 5.89 2.06 28.15
C ALA B 232 5.04 2.54 26.97
N SER B 233 3.97 1.80 26.70
CA SER B 233 3.04 2.16 25.65
C SER B 233 2.16 3.31 26.11
N ILE B 234 1.86 4.22 25.18
CA ILE B 234 0.82 5.21 25.40
C ILE B 234 -0.20 5.13 24.28
N PHE B 235 -0.35 3.93 23.71
CA PHE B 235 -1.28 3.75 22.60
C PHE B 235 -2.72 3.98 23.05
N GLU B 236 -3.06 3.59 24.27
CA GLU B 236 -4.41 3.84 24.78
C GLU B 236 -4.70 5.34 24.78
N GLU B 237 -3.75 6.13 25.26
CA GLU B 237 -3.92 7.59 25.29
C GLU B 237 -4.07 8.14 23.87
N VAL B 238 -3.28 7.61 22.94
CA VAL B 238 -3.32 8.08 21.56
C VAL B 238 -4.66 7.71 20.92
N LEU B 239 -5.15 6.51 21.19
CA LEU B 239 -6.40 6.07 20.61
C LEU B 239 -7.58 6.86 21.17
N ASN B 241 -7.63 9.78 22.95
CA ASN B 241 -7.56 11.24 22.93
C ASN B 241 -7.23 11.87 21.59
N GLU B 242 -6.71 11.08 20.64
CA GLU B 242 -6.33 11.64 19.35
C GLU B 242 -7.06 10.96 18.19
N VAL B 243 -7.01 9.62 18.12
CA VAL B 243 -7.58 8.92 16.97
C VAL B 243 -9.11 8.93 16.95
N ILE B 244 -9.75 8.48 18.02
CA ILE B 244 -11.20 8.40 18.02
C ILE B 244 -11.83 9.78 17.84
N PRO B 245 -11.33 10.80 18.57
CA PRO B 245 -11.87 12.14 18.32
C PRO B 245 -11.67 12.60 16.87
N ILE B 247 -11.44 10.65 14.13
CA ILE B 247 -12.35 9.91 13.27
C ILE B 247 -13.78 10.44 13.39
N ASP B 248 -14.26 10.61 14.62
CA ASP B 248 -15.62 11.10 14.83
C ASP B 248 -15.78 12.55 14.34
N ALA B 249 -14.66 13.26 14.20
CA ALA B 249 -14.69 14.65 13.75
C ALA B 249 -14.66 14.75 12.22
N LYS B 250 -14.02 13.78 11.58
CA LYS B 250 -13.76 13.85 10.14
C LYS B 250 -14.73 13.00 9.32
N PHE B 251 -15.33 11.99 9.94
CA PHE B 251 -16.27 11.12 9.26
C PHE B 251 -17.64 11.20 9.88
N ARG B 252 -18.65 10.82 9.10
CA ARG B 252 -20.02 10.78 9.58
C ARG B 252 -20.25 9.51 10.40
N THR B 253 -19.88 9.56 11.67
CA THR B 253 -20.00 8.40 12.54
C THR B 253 -21.05 8.58 13.62
N LEU B 254 -21.58 7.47 14.11
CA LEU B 254 -22.27 7.42 15.39
C LEU B 254 -21.21 7.25 16.48
N SER B 255 -21.24 8.10 17.50
CA SER B 255 -20.13 8.20 18.44
C SER B 255 -20.48 7.81 19.87
N GLY B 256 -21.56 7.06 20.05
CA GLY B 256 -21.91 6.53 21.36
C GLY B 256 -21.19 5.23 21.62
N ARG B 257 -21.03 4.86 22.88
CA ARG B 257 -20.31 3.64 23.24
C ARG B 257 -20.92 2.43 22.53
N GLU B 258 -22.22 2.47 22.28
CA GLU B 258 -22.90 1.35 21.64
C GLU B 258 -22.74 1.40 20.12
N ASP B 259 -22.03 2.41 19.64
CA ASP B 259 -21.72 2.54 18.23
C ASP B 259 -20.23 2.37 17.97
N ARG B 260 -19.50 1.94 19.00
CA ARG B 260 -18.05 1.81 18.89
C ARG B 260 -17.57 0.45 19.40
N ALA B 261 -16.90 -0.29 18.53
CA ALA B 261 -16.35 -1.60 18.88
C ALA B 261 -14.82 -1.55 18.82
N ILE B 262 -14.16 -2.48 19.50
CA ILE B 262 -12.70 -2.56 19.48
C ILE B 262 -12.25 -4.02 19.50
N ALA B 263 -11.18 -4.32 18.76
CA ALA B 263 -10.72 -5.70 18.70
C ALA B 263 -9.29 -5.76 18.17
N GLY B 264 -8.66 -6.91 18.34
CA GLY B 264 -7.28 -7.08 17.92
C GLY B 264 -6.86 -8.52 17.90
N LEU B 265 -5.72 -8.76 17.27
CA LEU B 265 -5.12 -10.09 17.19
C LEU B 265 -3.79 -10.12 17.95
N SER B 266 -3.51 -11.25 18.58
CA SER B 266 -2.26 -11.45 19.32
C SER B 266 -1.99 -10.27 20.27
N GLY B 268 -2.33 -7.22 19.79
CA GLY B 268 -3.42 -6.28 19.63
C GLY B 268 -4.64 -6.71 20.44
N ALA B 269 -4.82 -8.02 20.61
CA ALA B 269 -5.91 -8.53 21.41
C ALA B 269 -5.68 -8.12 22.86
N ASN B 270 -4.44 -8.22 23.29
CA ASN B 270 -4.04 -7.82 24.63
C ASN B 270 -4.28 -6.33 24.85
N GLN B 271 -3.72 -5.50 23.98
CA GLN B 271 -3.86 -4.05 24.08
C GLN B 271 -5.31 -3.60 24.13
N THR B 272 -6.14 -4.13 23.23
CA THR B 272 -7.50 -3.66 23.11
C THR B 272 -8.36 -4.17 24.27
N HIS B 274 -7.10 -4.31 27.41
CA HIS B 274 -6.74 -3.26 28.36
C HIS B 274 -7.57 -2.00 28.12
N ILE B 275 -7.63 -1.58 26.86
CA ILE B 275 -8.35 -0.35 26.49
C ILE B 275 -9.84 -0.47 26.75
N ALA B 276 -10.41 -1.63 26.41
CA ALA B 276 -11.84 -1.84 26.57
C ALA B 276 -12.25 -1.78 28.04
N ASN B 278 -10.61 -0.48 30.56
CA ASN B 278 -10.33 0.83 31.13
C ASN B 278 -11.30 1.90 30.66
N ASN B 279 -12.02 1.62 29.57
CA ASN B 279 -12.89 2.62 28.96
C ASN B 279 -14.26 2.04 28.61
N PRO B 280 -14.99 1.55 29.62
CA PRO B 280 -16.30 0.93 29.44
C PRO B 280 -17.37 1.91 28.93
N GLY B 281 -17.12 3.21 29.10
CA GLY B 281 -18.06 4.22 28.67
C GLY B 281 -17.83 4.70 27.25
N HIS B 282 -17.04 3.93 26.49
CA HIS B 282 -16.74 4.27 25.10
C HIS B 282 -16.81 3.06 24.18
N PHE B 283 -16.90 1.85 24.76
CA PHE B 283 -16.99 0.63 23.98
C PHE B 283 -18.05 -0.32 24.56
N ALA B 284 -18.84 -0.91 23.68
CA ALA B 284 -19.82 -1.92 24.10
C ALA B 284 -19.52 -3.27 23.46
N TYR B 285 -18.40 -3.36 22.72
CA TYR B 285 -18.01 -4.58 22.04
C TYR B 285 -16.50 -4.77 22.09
N TYR B 286 -16.08 -6.00 22.35
CA TYR B 286 -14.66 -6.36 22.33
C TYR B 286 -14.46 -7.69 21.63
N GLY B 287 -13.39 -7.76 20.84
CA GLY B 287 -12.99 -9.00 20.19
C GLY B 287 -11.52 -9.26 20.42
N GLY B 288 -11.20 -10.46 20.91
CA GLY B 288 -9.83 -10.88 21.14
C GLY B 288 -9.50 -12.10 20.30
N PHE B 289 -8.69 -11.89 19.26
CA PHE B 289 -8.32 -12.95 18.34
C PHE B 289 -6.95 -13.53 18.71
N SER B 290 -6.93 -14.78 19.16
CA SER B 290 -5.67 -15.46 19.51
C SER B 290 -4.86 -14.67 20.54
N GLY B 291 -5.52 -14.19 21.57
CA GLY B 291 -4.83 -13.45 22.61
C GLY B 291 -5.76 -12.90 23.66
N THR B 292 -5.31 -12.98 24.91
CA THR B 292 -5.97 -12.35 26.04
C THR B 292 -4.88 -11.84 26.98
N SER B 293 -5.25 -10.95 27.90
CA SER B 293 -4.26 -10.19 28.66
C SER B 293 -3.48 -11.00 29.71
N ASN B 294 -3.88 -12.24 29.95
CA ASN B 294 -3.14 -13.11 30.88
C ASN B 294 -1.93 -13.77 30.21
N TYR B 295 -1.77 -13.53 28.91
CA TYR B 295 -0.60 -14.00 28.17
C TYR B 295 0.68 -13.50 28.86
N PRO B 296 1.72 -14.34 28.91
CA PRO B 296 1.90 -15.69 28.36
C PRO B 296 1.57 -16.81 29.35
N SER B 297 0.86 -16.47 30.42
CA SER B 297 0.57 -17.45 31.46
C SER B 297 -0.59 -18.37 31.11
N THR B 298 -0.42 -19.65 31.44
CA THR B 298 -1.45 -20.67 31.25
C THR B 298 -2.05 -21.12 32.58
N GLU B 299 -1.71 -20.41 33.65
CA GLU B 299 -2.17 -20.76 34.99
C GLU B 299 -3.51 -20.10 35.30
N PRO B 300 -4.22 -20.61 36.33
CA PRO B 300 -5.55 -20.10 36.66
C PRO B 300 -5.53 -18.63 37.08
N LEU B 301 -6.62 -17.92 36.78
CA LEU B 301 -6.73 -16.49 37.08
C LEU B 301 -7.55 -16.24 38.34
N ASP B 302 -7.20 -15.18 39.05
CA ASP B 302 -7.99 -14.69 40.16
C ASP B 302 -8.70 -13.40 39.74
N ALA B 303 -10.02 -13.48 39.58
CA ALA B 303 -10.80 -12.35 39.07
C ALA B 303 -10.67 -11.12 39.97
N THR B 304 -10.28 -11.34 41.21
CA THR B 304 -10.14 -10.26 42.19
C THR B 304 -8.98 -9.33 41.87
N THR B 305 -7.89 -9.90 41.34
CA THR B 305 -6.66 -9.14 41.14
C THR B 305 -6.25 -9.06 39.67
N PHE B 306 -6.71 -10.01 38.86
CA PHE B 306 -6.36 -10.02 37.44
C PHE B 306 -6.86 -8.76 36.75
N LEU B 307 -5.94 -8.09 36.06
CA LEU B 307 -6.26 -6.89 35.29
C LEU B 307 -6.97 -5.87 36.18
N ASN B 308 -6.36 -5.59 37.32
CA ASN B 308 -6.88 -4.63 38.28
C ASN B 308 -8.32 -4.93 38.68
N GLY B 309 -8.63 -6.21 38.78
CA GLY B 309 -9.95 -6.65 39.21
C GLY B 309 -11.08 -6.19 38.33
N LYS B 310 -10.79 -5.90 37.07
CA LYS B 310 -11.81 -5.39 36.16
C LYS B 310 -12.90 -6.45 35.86
N PHE B 311 -12.57 -7.72 36.07
CA PHE B 311 -13.55 -8.80 35.88
C PHE B 311 -14.16 -9.28 37.19
N LYS B 312 -13.95 -8.52 38.26
CA LYS B 312 -14.48 -8.86 39.57
C LYS B 312 -16.00 -8.88 39.54
N ASP B 313 -16.60 -7.78 39.11
CA ASP B 313 -18.05 -7.64 39.05
C ASP B 313 -18.59 -8.22 37.75
N ALA B 314 -18.95 -9.50 37.78
CA ALA B 314 -19.42 -10.21 36.59
C ALA B 314 -20.66 -9.55 35.98
N LYS B 315 -21.55 -9.07 36.85
CA LYS B 315 -22.78 -8.44 36.38
C LYS B 315 -22.47 -7.17 35.59
N ALA B 316 -21.55 -6.36 36.09
CA ALA B 316 -21.19 -5.11 35.43
C ALA B 316 -20.57 -5.37 34.06
N VAL B 317 -19.75 -6.41 33.96
CA VAL B 317 -19.13 -6.77 32.70
C VAL B 317 -20.18 -7.21 31.68
N ASN B 318 -21.16 -7.99 32.14
CA ASN B 318 -22.21 -8.47 31.26
C ASN B 318 -23.06 -7.34 30.73
N VAL B 319 -23.22 -6.28 31.52
CA VAL B 319 -23.99 -5.11 31.12
C VAL B 319 -23.17 -4.24 30.17
N GLN B 320 -21.87 -4.14 30.44
CA GLN B 320 -20.99 -3.32 29.64
C GLN B 320 -20.91 -3.80 28.19
N PHE B 321 -20.90 -5.11 27.98
CA PHE B 321 -20.67 -5.68 26.67
C PHE B 321 -21.91 -6.30 26.04
N LYS B 322 -22.32 -5.75 24.90
CA LYS B 322 -23.31 -6.41 24.06
C LYS B 322 -22.65 -7.63 23.43
N VAL B 323 -21.35 -7.52 23.15
CA VAL B 323 -20.59 -8.62 22.56
C VAL B 323 -19.19 -8.69 23.15
N PHE B 324 -18.83 -9.87 23.62
CA PHE B 324 -17.47 -10.16 24.07
C PHE B 324 -17.01 -11.42 23.34
N PHE B 325 -16.04 -11.25 22.45
CA PHE B 325 -15.67 -12.27 21.48
C PHE B 325 -14.25 -12.76 21.70
N LEU B 326 -14.08 -14.09 21.65
CA LEU B 326 -12.77 -14.72 21.71
C LEU B 326 -12.60 -15.68 20.54
N GLY B 327 -11.45 -15.57 19.85
CA GLY B 327 -11.14 -16.42 18.73
C GLY B 327 -9.83 -17.17 18.91
N LEU B 328 -9.70 -18.33 18.27
CA LEU B 328 -8.49 -19.15 18.40
C LEU B 328 -8.40 -20.17 17.26
N GLY B 329 -7.17 -20.44 16.80
CA GLY B 329 -6.96 -21.50 15.83
C GLY B 329 -6.78 -22.83 16.53
N THR B 330 -7.27 -23.91 15.93
CA THR B 330 -7.18 -25.21 16.58
C THR B 330 -5.75 -25.77 16.53
N ALA B 331 -4.90 -25.17 15.72
CA ALA B 331 -3.52 -25.64 15.57
C ALA B 331 -2.49 -24.63 16.05
N GLU B 332 -2.90 -23.73 16.95
CA GLU B 332 -2.00 -22.71 17.45
C GLU B 332 -0.95 -23.33 18.36
N PRO B 333 0.27 -22.78 18.35
CA PRO B 333 1.33 -23.34 19.20
C PRO B 333 1.19 -22.94 20.65
N HIS B 334 1.80 -23.71 21.54
CA HIS B 334 1.98 -23.29 22.92
C HIS B 334 2.53 -21.87 22.94
N PRO B 335 2.02 -21.00 23.83
CA PRO B 335 1.04 -21.19 24.89
C PRO B 335 -0.36 -20.64 24.58
N PHE B 336 -0.66 -20.34 23.33
CA PHE B 336 -1.89 -19.61 23.03
C PHE B 336 -3.15 -20.37 23.45
N PRO B 337 -3.22 -21.69 23.18
CA PRO B 337 -4.41 -22.39 23.67
C PRO B 337 -4.54 -22.35 25.19
N GLY B 338 -3.44 -22.57 25.90
CA GLY B 338 -3.46 -22.55 27.35
C GLY B 338 -3.82 -21.20 27.92
N VAL B 339 -3.32 -20.14 27.28
CA VAL B 339 -3.62 -18.78 27.70
C VAL B 339 -5.13 -18.51 27.63
N VAL B 340 -5.73 -18.87 26.49
CA VAL B 340 -7.14 -18.60 26.28
C VAL B 340 -8.00 -19.49 27.17
N LYS B 341 -7.57 -20.73 27.38
CA LYS B 341 -8.30 -21.66 28.23
C LYS B 341 -8.42 -21.14 29.66
N ALA B 342 -7.31 -20.60 30.18
CA ALA B 342 -7.29 -20.04 31.52
C ALA B 342 -8.21 -18.83 31.62
N PHE B 343 -8.24 -18.00 30.57
CA PHE B 343 -9.11 -16.83 30.58
C PHE B 343 -10.57 -17.27 30.56
N ARG B 344 -10.88 -18.26 29.73
CA ARG B 344 -12.23 -18.77 29.62
C ARG B 344 -12.74 -19.37 30.92
N GLN B 345 -11.87 -20.10 31.62
CA GLN B 345 -12.27 -20.70 32.88
C GLN B 345 -12.55 -19.62 33.93
N ASP B 348 -16.08 -18.31 32.82
CA ASP B 348 -17.15 -19.24 33.15
C ASP B 348 -17.46 -19.21 34.65
N LYS B 349 -16.41 -19.26 35.46
CA LYS B 349 -16.57 -19.22 36.92
C LYS B 349 -17.29 -17.96 37.36
N GLN B 350 -16.89 -16.82 36.80
CA GLN B 350 -17.51 -15.54 37.16
C GLN B 350 -18.92 -15.45 36.59
N GLY B 351 -19.24 -16.30 35.63
CA GLY B 351 -20.53 -16.27 34.98
C GLY B 351 -20.64 -15.15 33.96
N ILE B 352 -19.49 -14.64 33.53
CA ILE B 352 -19.45 -13.59 32.51
C ILE B 352 -19.58 -14.21 31.11
N LYS B 353 -20.52 -13.71 30.33
CA LYS B 353 -20.81 -14.27 29.01
C LYS B 353 -19.77 -13.85 27.97
N TYR B 354 -19.55 -14.72 27.00
CA TYR B 354 -18.69 -14.40 25.86
C TYR B 354 -19.02 -15.30 24.68
N VAL B 355 -18.67 -14.84 23.48
CA VAL B 355 -18.75 -15.67 22.27
C VAL B 355 -17.38 -16.28 22.00
N TYR B 356 -17.35 -17.57 21.68
CA TYR B 356 -16.10 -18.26 21.39
C TYR B 356 -16.14 -18.89 20.01
N TYR B 357 -15.10 -18.64 19.21
CA TYR B 357 -14.98 -19.22 17.88
C TYR B 357 -13.62 -19.87 17.65
N GLU B 358 -13.63 -21.06 17.06
CA GLU B 358 -12.40 -21.75 16.70
C GLU B 358 -12.24 -21.89 15.19
N SER B 359 -11.10 -21.46 14.68
CA SER B 359 -10.77 -21.64 13.27
C SER B 359 -10.13 -23.00 13.04
N PRO B 360 -10.77 -23.88 12.26
CA PRO B 360 -10.24 -25.25 12.10
C PRO B 360 -8.96 -25.32 11.29
N ASP B 361 -7.96 -26.00 11.82
CA ASP B 361 -6.73 -26.33 11.09
C ASP B 361 -5.89 -25.10 10.74
N THR B 362 -5.92 -24.07 11.58
CA THR B 362 -5.03 -22.93 11.40
C THR B 362 -4.32 -22.59 12.71
N ALA B 363 -3.17 -21.93 12.58
CA ALA B 363 -2.30 -21.64 13.72
C ALA B 363 -2.35 -20.15 14.06
N HIS B 364 -1.22 -19.61 14.53
CA HIS B 364 -1.15 -18.21 14.91
C HIS B 364 -0.78 -17.38 13.69
N GLU B 365 -1.68 -17.37 12.71
CA GLU B 365 -1.45 -16.74 11.41
C GLU B 365 -2.73 -16.10 10.85
N TRP B 366 -2.60 -15.39 9.73
CA TRP B 366 -3.64 -14.45 9.33
C TRP B 366 -4.99 -15.07 8.95
N LEU B 367 -5.03 -16.27 8.41
CA LEU B 367 -6.31 -16.87 8.06
C LEU B 367 -7.19 -17.04 9.30
N THR B 368 -6.56 -17.41 10.42
CA THR B 368 -7.25 -17.49 11.69
C THR B 368 -7.96 -16.17 12.01
N TRP B 369 -7.29 -15.07 11.71
CA TRP B 369 -7.78 -13.74 12.09
C TRP B 369 -8.76 -13.19 11.06
N ARG B 370 -8.61 -13.58 9.79
CA ARG B 370 -9.62 -13.29 8.78
C ARG B 370 -10.95 -13.91 9.19
N ARG B 371 -10.87 -15.17 9.60
CA ARG B 371 -12.05 -15.93 10.00
C ARG B 371 -12.70 -15.36 11.26
N ALA B 372 -11.86 -14.91 12.20
CA ALA B 372 -12.36 -14.29 13.42
C ALA B 372 -13.11 -12.98 13.12
N LEU B 373 -12.58 -12.18 12.21
CA LEU B 373 -13.27 -10.94 11.85
C LEU B 373 -14.59 -11.27 11.19
N ASN B 374 -14.57 -12.26 10.30
CA ASN B 374 -15.77 -12.68 9.58
C ASN B 374 -16.89 -13.12 10.53
N GLU B 375 -16.50 -13.69 11.67
CA GLU B 375 -17.46 -14.17 12.66
C GLU B 375 -17.85 -13.07 13.66
N PHE B 376 -16.93 -12.15 13.92
CA PHE B 376 -17.10 -11.10 14.91
C PHE B 376 -17.94 -9.94 14.38
N ALA B 377 -17.66 -9.52 13.14
CA ALA B 377 -18.28 -8.33 12.59
C ALA B 377 -19.82 -8.38 12.53
N PRO B 378 -20.39 -9.55 12.16
CA PRO B 378 -21.85 -9.65 12.10
C PRO B 378 -22.59 -9.48 13.44
N LEU B 379 -21.84 -9.47 14.54
CA LEU B 379 -22.44 -9.38 15.87
C LEU B 379 -22.55 -7.94 16.37
N LEU B 380 -21.96 -7.01 15.62
CA LEU B 380 -21.80 -5.64 16.09
C LEU B 380 -22.97 -4.74 15.73
N PHE B 381 -23.33 -3.89 16.69
CA PHE B 381 -24.29 -2.80 16.47
C PHE B 381 -25.67 -3.31 16.09
N LYS B 382 -26.18 -4.28 16.84
CA LYS B 382 -27.51 -4.85 16.59
C LYS B 382 -28.31 -4.98 17.89
#